data_6TL5
#
_entry.id   6TL5
#
_cell.length_a   152.060
_cell.length_b   152.060
_cell.length_c   172.090
_cell.angle_alpha   90.00
_cell.angle_beta   90.00
_cell.angle_gamma   120.00
#
_symmetry.space_group_name_H-M   'H 3'
#
loop_
_entity.id
_entity.type
_entity.pdbx_description
1 polymer 'Carbonic anhydrase 9'
2 non-polymer 3,5-diphenylbenzenesulfonamide
3 non-polymer 'ZINC ION'
4 water water
#
_entity_poly.entity_id   1
_entity_poly.type   'polypeptide(L)'
_entity_poly.pdbx_seq_one_letter_code
;GPDQSHWRYGGDPPWPRVSPACAGRFQSPVDIRPQLAAFSPALRPLELLGFQLPPLPELRLRNNGHSVQLTLPPGLEMAL
GPGREYRALQLHLHWGAAGRPGSEHTVEGHRFPAEIHVVHLSTAFARVDEALGRPGGLAVLAAFLEEGPEENSAYEQLLS
RLEEIAEEGSETQVPGLDISALLPSDFSRYFQYEGSLTTPPCAQGVIWTVFQQTVMLSAKQLHTLSDTLWGPGDSRLQLN
FRATQPLNGRVIEASFP
;
_entity_poly.pdbx_strand_id   A,B,C,D
#
loop_
_chem_comp.id
_chem_comp.type
_chem_comp.name
_chem_comp.formula
MKQ non-polymer 3,5-diphenylbenzenesulfonamide 'C18 H15 N O2 S'
ZN non-polymer 'ZINC ION' 'Zn 2'
#
# COMPACT_ATOMS: atom_id res chain seq x y z
N TRP A 7 19.90 13.85 2.06
CA TRP A 7 20.33 13.58 3.48
C TRP A 7 21.31 12.39 3.52
N ARG A 8 22.30 12.44 4.42
CA ARG A 8 23.26 11.34 4.69
C ARG A 8 23.82 11.52 6.12
N TYR A 9 23.72 10.48 6.97
CA TYR A 9 24.24 10.43 8.37
C TYR A 9 25.68 10.98 8.42
N GLY A 10 26.09 11.58 9.54
CA GLY A 10 27.46 12.09 9.76
C GLY A 10 27.70 13.46 9.14
N GLY A 11 27.40 13.61 7.85
CA GLY A 11 27.61 14.86 7.09
C GLY A 11 26.35 15.70 6.99
N ASP A 12 26.18 16.41 5.88
CA ASP A 12 25.07 17.36 5.62
C ASP A 12 24.56 17.26 4.16
N PRO A 13 23.23 17.14 3.97
CA PRO A 13 22.31 18.24 4.23
C PRO A 13 21.73 18.16 5.67
N PRO A 14 21.80 19.01 6.95
CA PRO A 14 20.92 19.77 7.85
C PRO A 14 19.52 19.16 7.75
N TRP A 15 19.16 18.34 8.74
CA TRP A 15 17.94 17.49 8.69
C TRP A 15 16.68 18.36 8.68
N PRO A 16 16.57 19.44 9.51
CA PRO A 16 15.47 20.40 9.37
C PRO A 16 15.34 21.08 7.99
N ARG A 17 16.45 21.39 7.32
CA ARG A 17 16.49 21.98 5.95
C ARG A 17 15.88 20.99 4.95
N VAL A 18 15.92 19.68 5.23
CA VAL A 18 15.22 18.61 4.45
C VAL A 18 13.73 18.64 4.84
N SER A 19 13.43 18.41 6.13
CA SER A 19 12.06 18.26 6.68
C SER A 19 11.94 18.95 8.05
N PRO A 20 11.01 19.94 8.21
CA PRO A 20 10.82 20.62 9.50
C PRO A 20 10.42 19.71 10.69
N ALA A 21 9.84 18.55 10.40
CA ALA A 21 9.45 17.54 11.43
C ALA A 21 10.70 16.96 12.13
N CYS A 22 11.90 17.00 11.51
CA CYS A 22 13.15 16.50 12.13
C CYS A 22 13.60 17.46 13.25
N ALA A 23 12.86 18.55 13.46
CA ALA A 23 13.11 19.51 14.56
C ALA A 23 12.01 19.42 15.62
N GLY A 24 11.09 18.45 15.52
CA GLY A 24 10.02 18.28 16.52
C GLY A 24 10.57 18.04 17.92
N ARG A 25 9.74 18.20 18.93
CA ARG A 25 10.09 18.02 20.36
C ARG A 25 10.08 16.53 20.76
N PHE A 26 9.33 15.69 20.02
CA PHE A 26 9.03 14.28 20.39
C PHE A 26 9.60 13.33 19.34
N GLN A 27 10.94 13.31 19.25
CA GLN A 27 11.68 12.54 18.22
C GLN A 27 12.23 11.23 18.80
N SER A 28 12.65 10.36 17.88
CA SER A 28 13.27 9.04 18.11
C SER A 28 14.62 9.06 17.43
N PRO A 29 15.59 8.26 17.85
CA PRO A 29 15.42 7.31 18.95
C PRO A 29 15.67 7.99 20.31
N VAL A 30 15.47 7.23 21.36
CA VAL A 30 15.65 7.76 22.74
C VAL A 30 16.48 6.77 23.58
N ASP A 31 16.98 7.30 24.67
CA ASP A 31 17.67 6.49 25.71
C ASP A 31 16.60 5.97 26.65
N ILE A 32 16.44 4.66 26.72
CA ILE A 32 15.47 3.99 27.62
C ILE A 32 16.15 3.84 28.98
N ARG A 33 15.58 4.50 29.99
CA ARG A 33 15.99 4.34 31.41
C ARG A 33 14.87 3.56 32.10
N PRO A 34 15.04 2.23 32.28
CA PRO A 34 13.95 1.38 32.78
C PRO A 34 13.42 1.84 34.14
N GLN A 35 14.26 2.42 34.99
CA GLN A 35 13.80 2.91 36.32
C GLN A 35 12.80 4.06 36.15
N LEU A 36 12.91 4.87 35.11
CA LEU A 36 11.95 5.98 34.84
C LEU A 36 10.77 5.47 33.98
N ALA A 37 10.76 4.20 33.55
CA ALA A 37 9.62 3.69 32.73
C ALA A 37 8.43 3.46 33.65
N ALA A 38 7.22 3.57 33.11
CA ALA A 38 5.96 3.43 33.86
C ALA A 38 5.38 2.06 33.54
N PHE A 39 5.21 1.21 34.55
CA PHE A 39 4.55 -0.10 34.37
C PHE A 39 3.10 0.19 34.00
N SER A 40 2.64 -0.40 32.90
CA SER A 40 1.22 -0.34 32.45
C SER A 40 0.78 -1.74 32.15
N PRO A 41 0.00 -2.37 33.04
CA PRO A 41 -0.47 -3.73 32.80
C PRO A 41 -1.49 -3.84 31.68
N ALA A 42 -1.82 -2.73 31.04
CA ALA A 42 -2.71 -2.72 29.85
C ALA A 42 -1.92 -3.20 28.60
N LEU A 43 -0.59 -3.15 28.63
CA LEU A 43 0.27 -3.61 27.52
C LEU A 43 0.31 -5.14 27.51
N ARG A 44 -0.51 -5.76 26.67
CA ARG A 44 -0.54 -7.23 26.48
C ARG A 44 0.53 -7.65 25.46
N PRO A 45 0.77 -8.96 25.36
CA PRO A 45 1.70 -9.50 24.37
C PRO A 45 1.29 -9.11 22.94
N LEU A 46 2.29 -8.72 22.16
CA LEU A 46 2.13 -8.45 20.71
C LEU A 46 1.61 -9.71 20.02
N GLU A 47 0.74 -9.54 19.04
CA GLU A 47 0.22 -10.65 18.22
C GLU A 47 0.59 -10.40 16.76
N LEU A 48 1.26 -11.37 16.18
CA LEU A 48 1.69 -11.37 14.76
C LEU A 48 0.89 -12.41 14.02
N LEU A 49 0.42 -12.11 12.83
CA LEU A 49 -0.33 -13.06 12.01
C LEU A 49 0.20 -12.98 10.58
N GLY A 50 0.51 -14.13 10.00
CA GLY A 50 0.88 -14.23 8.59
C GLY A 50 2.37 -13.94 8.40
N PHE A 51 3.17 -13.90 9.45
CA PHE A 51 4.63 -13.61 9.28
C PHE A 51 5.42 -14.82 8.79
N GLN A 52 4.83 -16.01 8.79
CA GLN A 52 5.55 -17.23 8.32
C GLN A 52 5.30 -17.40 6.82
N LEU A 53 6.17 -16.83 5.99
CA LEU A 53 5.97 -16.72 4.52
C LEU A 53 6.36 -18.02 3.82
N PRO A 54 5.66 -18.38 2.75
CA PRO A 54 6.18 -19.38 1.82
C PRO A 54 7.39 -18.80 1.10
N PRO A 55 8.26 -19.64 0.49
CA PRO A 55 9.44 -19.15 -0.22
C PRO A 55 9.11 -18.37 -1.50
N LEU A 56 7.94 -18.59 -2.12
CA LEU A 56 7.47 -17.79 -3.28
C LEU A 56 6.11 -17.23 -2.95
N PRO A 57 5.86 -15.96 -3.33
CA PRO A 57 6.84 -15.16 -4.08
C PRO A 57 8.05 -14.65 -3.27
N GLU A 58 9.15 -14.36 -3.95
CA GLU A 58 10.40 -13.81 -3.36
C GLU A 58 10.17 -12.38 -2.88
N LEU A 59 11.05 -11.87 -2.02
CA LEU A 59 10.94 -10.52 -1.42
C LEU A 59 12.12 -9.73 -1.98
N ARG A 60 12.01 -8.40 -2.01
CA ARG A 60 13.10 -7.53 -2.53
C ARG A 60 13.90 -7.00 -1.34
N LEU A 61 15.20 -7.30 -1.36
CA LEU A 61 16.20 -6.82 -0.40
C LEU A 61 17.05 -5.74 -1.07
N ARG A 62 17.13 -4.56 -0.48
CA ARG A 62 17.71 -3.38 -1.14
C ARG A 62 18.68 -2.70 -0.18
N ASN A 63 19.87 -2.41 -0.71
CA ASN A 63 20.82 -1.40 -0.20
C ASN A 63 20.39 -0.02 -0.70
N ASN A 64 19.73 0.78 0.14
CA ASN A 64 19.25 2.12 -0.26
C ASN A 64 20.30 3.16 0.09
N GLY A 65 21.49 2.71 0.49
CA GLY A 65 22.63 3.60 0.82
C GLY A 65 22.56 4.16 2.23
N HIS A 66 21.43 3.99 2.94
CA HIS A 66 21.27 4.42 4.35
C HIS A 66 21.11 3.18 5.24
N SER A 67 20.51 2.13 4.70
CA SER A 67 20.31 0.83 5.39
C SER A 67 20.17 -0.28 4.34
N VAL A 68 19.99 -1.52 4.81
CA VAL A 68 19.45 -2.66 4.02
C VAL A 68 17.98 -2.86 4.45
N GLN A 69 17.10 -2.88 3.46
CA GLN A 69 15.67 -3.06 3.73
C GLN A 69 15.07 -4.22 2.92
N LEU A 70 14.19 -4.93 3.59
CA LEU A 70 13.37 -6.03 3.07
C LEU A 70 11.95 -5.50 2.98
N THR A 71 11.43 -5.41 1.76
CA THR A 71 10.03 -5.05 1.51
C THR A 71 9.19 -6.27 1.79
N LEU A 72 8.17 -6.10 2.61
CA LEU A 72 7.30 -7.22 3.03
C LEU A 72 6.05 -7.23 2.16
N PRO A 73 5.47 -8.40 1.87
CA PRO A 73 4.30 -8.47 1.02
C PRO A 73 3.03 -8.21 1.80
N PRO A 74 1.87 -8.19 1.15
CA PRO A 74 0.63 -8.02 1.90
C PRO A 74 0.32 -9.26 2.74
N GLY A 75 -0.57 -9.05 3.96
CA GLY A 75 -1.01 -10.22 4.73
C GLY A 75 -0.32 -10.39 6.07
N LEU A 76 0.66 -9.53 6.40
CA LEU A 76 1.38 -9.58 7.69
C LEU A 76 0.65 -8.61 8.60
N GLU A 77 -0.13 -9.15 9.52
CA GLU A 77 -0.96 -8.37 10.47
C GLU A 77 -0.26 -8.40 11.83
N MET A 78 -0.18 -7.26 12.46
CA MET A 78 0.41 -7.06 13.81
C MET A 78 -0.61 -6.27 14.63
N ALA A 79 -0.81 -6.66 15.88
CA ALA A 79 -1.71 -5.97 16.84
C ALA A 79 -0.94 -5.59 18.09
N LEU A 80 -1.03 -4.32 18.50
CA LEU A 80 -0.41 -3.80 19.75
C LEU A 80 -1.30 -4.11 20.93
N GLY A 81 -2.52 -4.49 20.62
CA GLY A 81 -3.61 -4.75 21.58
C GLY A 81 -4.89 -4.93 20.79
N PRO A 82 -6.09 -5.19 21.58
CA PRO A 82 -7.40 -5.29 20.96
C PRO A 82 -7.80 -3.96 20.30
N GLY A 83 -8.19 -3.97 19.06
CA GLY A 83 -8.54 -2.76 18.30
C GLY A 83 -7.35 -1.95 17.83
N ARG A 84 -6.08 -2.39 18.04
CA ARG A 84 -4.87 -1.62 17.62
C ARG A 84 -4.13 -2.39 16.51
N GLU A 85 -4.69 -2.39 15.29
CA GLU A 85 -4.30 -3.32 14.21
C GLU A 85 -3.49 -2.61 13.13
N TYR A 86 -2.41 -3.29 12.71
CA TYR A 86 -1.40 -2.78 11.74
C TYR A 86 -1.08 -3.86 10.69
N ARG A 87 -0.49 -3.40 9.58
CA ARG A 87 0.01 -4.21 8.44
C ARG A 87 1.49 -3.93 8.27
N ALA A 88 2.32 -4.96 8.19
CA ALA A 88 3.77 -4.75 8.08
C ALA A 88 4.06 -4.31 6.63
N LEU A 89 4.96 -3.34 6.47
CA LEU A 89 5.39 -2.78 5.16
C LEU A 89 6.79 -3.26 4.82
N GLN A 90 7.70 -3.13 5.77
CA GLN A 90 9.11 -3.48 5.51
C GLN A 90 9.91 -3.53 6.80
N LEU A 91 11.07 -4.14 6.72
CA LEU A 91 12.02 -4.05 7.85
C LEU A 91 13.39 -3.59 7.34
N HIS A 92 14.19 -3.03 8.22
CA HIS A 92 15.58 -2.63 7.89
C HIS A 92 16.40 -2.68 9.17
N LEU A 93 17.71 -2.51 9.00
CA LEU A 93 18.71 -2.65 10.07
C LEU A 93 19.50 -1.33 10.25
N HIS A 94 19.91 -1.11 11.48
CA HIS A 94 20.91 -0.11 11.88
C HIS A 94 22.07 -0.85 12.57
N TRP A 95 23.30 -0.43 12.31
CA TRP A 95 24.54 -1.11 12.76
C TRP A 95 25.69 -0.11 12.83
N GLY A 96 26.77 -0.49 13.50
CA GLY A 96 27.93 0.41 13.68
C GLY A 96 29.08 0.01 12.76
N ALA A 97 30.15 -0.48 13.36
CA ALA A 97 31.43 -0.79 12.67
C ALA A 97 32.36 -1.54 13.61
N ALA A 98 33.45 -2.08 13.06
CA ALA A 98 34.50 -2.85 13.76
C ALA A 98 34.70 -2.27 15.16
N GLY A 99 34.27 -2.99 16.20
CA GLY A 99 34.35 -2.54 17.61
C GLY A 99 33.61 -1.22 17.84
N ARG A 100 32.47 -1.00 17.17
CA ARG A 100 31.65 0.20 17.45
C ARG A 100 30.18 -0.19 17.30
N PRO A 101 29.38 -0.13 18.38
CA PRO A 101 27.97 -0.48 18.27
C PRO A 101 27.20 0.57 17.44
N GLY A 102 26.02 0.17 16.93
CA GLY A 102 25.22 1.00 16.00
C GLY A 102 23.72 0.86 16.16
N SER A 103 23.20 0.43 17.33
CA SER A 103 21.75 0.46 17.59
C SER A 103 21.28 1.90 17.70
N GLU A 104 20.01 2.17 17.41
CA GLU A 104 19.48 3.54 17.43
C GLU A 104 19.13 3.88 18.87
N HIS A 105 18.29 3.04 19.47
CA HIS A 105 17.91 3.10 20.89
C HIS A 105 19.11 2.68 21.76
N THR A 106 19.16 3.22 22.97
CA THR A 106 20.14 2.90 24.01
C THR A 106 19.33 2.54 25.25
N VAL A 107 19.95 1.77 26.15
CA VAL A 107 19.37 1.46 27.49
C VAL A 107 20.42 1.93 28.50
N GLU A 108 20.05 2.92 29.33
CA GLU A 108 20.92 3.45 30.41
C GLU A 108 22.25 3.79 29.76
N GLY A 109 22.19 4.28 28.51
CA GLY A 109 23.37 4.75 27.76
C GLY A 109 24.07 3.65 27.01
N HIS A 110 23.72 2.37 27.21
CA HIS A 110 24.37 1.24 26.48
C HIS A 110 23.85 1.22 25.04
N ARG A 111 24.73 1.34 24.05
CA ARG A 111 24.40 1.13 22.62
C ARG A 111 24.77 -0.31 22.24
N PHE A 112 23.83 -1.05 21.64
CA PHE A 112 23.99 -2.48 21.27
C PHE A 112 24.56 -2.55 19.87
N PRO A 113 25.15 -3.69 19.48
CA PRO A 113 25.82 -3.81 18.19
C PRO A 113 24.94 -3.32 17.02
N ALA A 114 23.67 -3.73 17.00
CA ALA A 114 22.77 -3.43 15.86
C ALA A 114 21.29 -3.44 16.29
N GLU A 115 20.38 -3.07 15.39
CA GLU A 115 18.92 -2.96 15.70
C GLU A 115 18.12 -3.30 14.43
N ILE A 116 17.02 -4.03 14.62
CA ILE A 116 16.05 -4.27 13.52
C ILE A 116 14.81 -3.44 13.78
N HIS A 117 14.30 -2.80 12.75
CA HIS A 117 13.00 -2.09 12.75
C HIS A 117 12.06 -2.74 11.75
N VAL A 118 10.84 -3.07 12.19
CA VAL A 118 9.77 -3.59 11.32
C VAL A 118 8.65 -2.54 11.36
N VAL A 119 8.45 -1.86 10.22
CA VAL A 119 7.59 -0.67 10.09
C VAL A 119 6.20 -1.16 9.68
N HIS A 120 5.17 -0.65 10.34
CA HIS A 120 3.78 -1.05 10.11
C HIS A 120 2.93 0.21 9.87
N LEU A 121 1.78 0.01 9.22
CA LEU A 121 0.76 1.00 8.83
C LEU A 121 -0.54 0.62 9.53
N SER A 122 -1.17 1.56 10.24
CA SER A 122 -2.50 1.34 10.84
C SER A 122 -3.43 0.89 9.72
N THR A 123 -4.30 -0.08 10.03
CA THR A 123 -5.31 -0.60 9.07
C THR A 123 -6.23 0.55 8.65
N ALA A 124 -6.45 1.82 9.66
CA ALA A 124 -7.38 2.90 9.31
C ALA A 124 -6.90 3.66 8.06
N PHE A 125 -5.68 3.41 7.57
CA PHE A 125 -5.02 4.18 6.50
C PHE A 125 -4.63 3.23 5.36
N ALA A 126 -4.90 3.64 4.13
CA ALA A 126 -4.58 2.87 2.91
C ALA A 126 -3.15 3.19 2.48
N ARG A 127 -2.60 4.33 2.87
CA ARG A 127 -1.28 4.78 2.35
C ARG A 127 -0.48 5.42 3.47
N VAL A 128 0.84 5.23 3.45
CA VAL A 128 1.80 5.86 4.38
C VAL A 128 1.57 7.38 4.43
N ASP A 129 1.39 8.05 3.30
CA ASP A 129 1.34 9.54 3.33
C ASP A 129 0.07 9.99 4.08
N GLU A 130 -1.00 9.20 4.14
CA GLU A 130 -2.18 9.61 4.95
C GLU A 130 -1.88 9.37 6.46
N ALA A 131 -0.92 8.50 6.79
CA ALA A 131 -0.62 8.08 8.18
C ALA A 131 0.40 9.03 8.83
N LEU A 132 1.29 9.64 8.06
CA LEU A 132 2.44 10.44 8.56
C LEU A 132 1.93 11.55 9.46
N GLY A 133 2.52 11.71 10.65
CA GLY A 133 2.11 12.76 11.60
C GLY A 133 0.79 12.47 12.28
N ARG A 134 0.08 11.40 11.94
CA ARG A 134 -1.23 11.11 12.58
C ARG A 134 -0.97 10.22 13.79
N PRO A 135 -1.64 10.42 14.96
CA PRO A 135 -1.35 9.62 16.15
C PRO A 135 -1.64 8.13 15.89
N GLY A 136 -0.65 7.27 16.09
CA GLY A 136 -0.82 5.82 15.93
C GLY A 136 -0.87 5.37 14.48
N GLY A 137 -0.61 6.26 13.53
CA GLY A 137 -0.70 5.95 12.10
C GLY A 137 0.32 4.90 11.69
N LEU A 138 1.53 5.03 12.23
CA LEU A 138 2.65 4.10 12.01
C LEU A 138 3.07 3.52 13.36
N ALA A 139 3.41 2.25 13.34
CA ALA A 139 3.95 1.51 14.49
C ALA A 139 5.23 0.81 14.04
N VAL A 140 6.31 0.95 14.79
CA VAL A 140 7.59 0.22 14.54
C VAL A 140 7.85 -0.74 15.72
N LEU A 141 8.20 -1.98 15.39
CA LEU A 141 8.78 -3.00 16.29
C LEU A 141 10.30 -2.94 16.18
N ALA A 142 10.97 -2.73 17.31
CA ALA A 142 12.44 -2.57 17.41
C ALA A 142 12.99 -3.66 18.33
N ALA A 143 14.02 -4.37 17.86
CA ALA A 143 14.77 -5.34 18.69
C ALA A 143 16.25 -5.07 18.52
N PHE A 144 17.00 -5.21 19.60
CA PHE A 144 18.47 -5.09 19.58
C PHE A 144 19.09 -6.39 19.08
N LEU A 145 20.18 -6.29 18.31
CA LEU A 145 20.97 -7.47 17.88
C LEU A 145 22.27 -7.47 18.68
N GLU A 146 22.59 -8.63 19.25
CA GLU A 146 23.81 -8.86 20.08
C GLU A 146 24.49 -10.11 19.59
N GLU A 147 25.76 -10.25 19.95
CA GLU A 147 26.54 -11.45 19.61
C GLU A 147 26.03 -12.60 20.48
N GLY A 148 25.71 -13.71 19.84
CA GLY A 148 25.62 -15.02 20.51
C GLY A 148 26.60 -16.01 19.90
N PRO A 149 26.66 -17.25 20.42
CA PRO A 149 27.57 -18.27 19.89
C PRO A 149 27.25 -18.92 18.54
N GLU A 150 25.97 -18.95 18.18
CA GLU A 150 25.46 -19.71 17.00
C GLU A 150 25.20 -18.75 15.84
N GLU A 151 25.34 -19.26 14.63
CA GLU A 151 24.81 -18.65 13.39
C GLU A 151 23.29 -18.59 13.50
N ASN A 152 22.72 -17.39 13.41
CA ASN A 152 21.25 -17.19 13.33
C ASN A 152 20.81 -17.54 11.92
N SER A 153 20.03 -18.60 11.72
CA SER A 153 19.71 -19.09 10.35
C SER A 153 18.70 -18.13 9.67
N ALA A 154 17.73 -17.55 10.39
CA ALA A 154 16.84 -16.54 9.77
C ALA A 154 17.69 -15.37 9.24
N TYR A 155 18.62 -14.83 10.05
CA TYR A 155 19.46 -13.69 9.62
C TYR A 155 20.39 -14.12 8.48
N GLU A 156 20.84 -15.38 8.46
CA GLU A 156 21.81 -15.89 7.45
C GLU A 156 21.19 -15.77 6.05
N GLN A 157 19.88 -15.99 5.95
CA GLN A 157 19.15 -15.89 4.65
C GLN A 157 19.25 -14.47 4.09
N LEU A 158 19.35 -13.44 4.93
CA LEU A 158 19.53 -12.07 4.43
C LEU A 158 21.03 -11.76 4.31
N LEU A 159 21.82 -12.12 5.33
CA LEU A 159 23.22 -11.63 5.40
C LEU A 159 24.06 -12.29 4.31
N SER A 160 23.75 -13.53 3.89
CA SER A 160 24.48 -14.26 2.84
C SER A 160 24.29 -13.59 1.47
N ARG A 161 23.41 -12.58 1.38
CA ARG A 161 23.07 -11.88 0.11
C ARG A 161 23.62 -10.46 0.11
N LEU A 162 24.25 -10.00 1.20
CA LEU A 162 24.72 -8.59 1.28
C LEU A 162 25.76 -8.35 0.18
N GLU A 163 26.58 -9.36 -0.13
CA GLU A 163 27.65 -9.25 -1.14
C GLU A 163 27.02 -8.85 -2.49
N GLU A 164 25.85 -9.39 -2.81
CA GLU A 164 25.12 -9.12 -4.09
C GLU A 164 24.65 -7.66 -4.14
N ILE A 165 24.55 -6.98 -2.99
CA ILE A 165 23.95 -5.62 -2.92
C ILE A 165 24.95 -4.69 -2.23
N ALA A 166 26.25 -4.98 -2.33
CA ALA A 166 27.35 -4.11 -1.85
C ALA A 166 27.13 -2.67 -2.33
N GLU A 167 26.82 -2.49 -3.61
CA GLU A 167 26.70 -1.13 -4.19
C GLU A 167 25.43 -0.46 -3.64
N GLU A 168 25.53 0.84 -3.34
CA GLU A 168 24.40 1.74 -3.03
C GLU A 168 23.37 1.66 -4.16
N GLY A 169 22.07 1.56 -3.82
CA GLY A 169 20.99 1.44 -4.82
C GLY A 169 20.81 0.05 -5.43
N SER A 170 21.65 -0.93 -5.07
CA SER A 170 21.54 -2.34 -5.50
C SER A 170 20.35 -2.99 -4.81
N GLU A 171 19.78 -4.01 -5.43
CA GLU A 171 18.78 -4.90 -4.78
C GLU A 171 18.84 -6.31 -5.38
N THR A 172 18.26 -7.24 -4.65
CA THR A 172 18.23 -8.67 -5.02
C THR A 172 16.92 -9.27 -4.53
N GLN A 173 16.55 -10.42 -5.08
CA GLN A 173 15.34 -11.18 -4.65
C GLN A 173 15.81 -12.24 -3.65
N VAL A 174 15.04 -12.43 -2.58
CA VAL A 174 15.27 -13.48 -1.56
C VAL A 174 13.98 -14.24 -1.34
N PRO A 175 14.09 -15.56 -1.10
CA PRO A 175 12.92 -16.35 -0.73
C PRO A 175 12.27 -15.78 0.53
N GLY A 176 10.94 -15.77 0.54
CA GLY A 176 10.14 -15.71 1.78
C GLY A 176 10.72 -16.59 2.87
N LEU A 177 10.67 -16.08 4.09
CA LEU A 177 11.14 -16.81 5.30
C LEU A 177 10.16 -16.50 6.42
N ASP A 178 10.40 -17.08 7.59
CA ASP A 178 9.68 -16.70 8.83
C ASP A 178 10.21 -15.34 9.29
N ILE A 179 9.47 -14.28 8.99
CA ILE A 179 9.88 -12.89 9.37
C ILE A 179 9.89 -12.81 10.91
N SER A 180 8.94 -13.47 11.60
CA SER A 180 8.87 -13.52 13.09
C SER A 180 10.19 -14.08 13.65
N ALA A 181 10.94 -14.88 12.90
CA ALA A 181 12.22 -15.45 13.36
C ALA A 181 13.37 -14.43 13.37
N LEU A 182 13.18 -13.22 12.82
CA LEU A 182 14.20 -12.15 12.95
C LEU A 182 13.94 -11.36 14.23
N LEU A 183 12.90 -11.71 14.96
CA LEU A 183 12.47 -10.98 16.19
C LEU A 183 12.67 -11.89 17.39
N PRO A 184 12.75 -11.33 18.62
CA PRO A 184 12.81 -12.14 19.82
C PRO A 184 11.59 -13.05 19.98
N SER A 185 11.75 -14.13 20.70
CA SER A 185 10.63 -15.06 20.97
C SER A 185 9.69 -14.48 22.05
N ASP A 186 10.21 -13.61 22.91
CA ASP A 186 9.40 -13.02 24.00
C ASP A 186 8.65 -11.79 23.47
N PHE A 187 7.35 -11.90 23.17
CA PHE A 187 6.51 -10.74 22.74
C PHE A 187 5.75 -10.10 23.91
N SER A 188 6.08 -10.44 25.17
CA SER A 188 5.33 -10.04 26.39
C SER A 188 6.00 -8.85 27.06
N ARG A 189 7.32 -8.75 26.90
CA ARG A 189 8.18 -7.83 27.67
C ARG A 189 8.78 -6.80 26.72
N TYR A 190 8.34 -5.54 26.84
CA TYR A 190 8.68 -4.47 25.88
C TYR A 190 8.44 -3.11 26.53
N PHE A 191 9.14 -2.12 26.00
CA PHE A 191 8.97 -0.69 26.26
C PHE A 191 8.15 -0.14 25.10
N GLN A 192 7.29 0.82 25.38
CA GLN A 192 6.46 1.49 24.34
C GLN A 192 6.48 2.99 24.61
N TYR A 193 6.71 3.78 23.58
CA TYR A 193 6.61 5.27 23.69
C TYR A 193 6.14 5.79 22.34
N GLU A 194 5.68 7.04 22.31
CA GLU A 194 5.36 7.76 21.07
C GLU A 194 6.55 8.62 20.68
N GLY A 195 6.87 8.63 19.38
CA GLY A 195 8.04 9.32 18.81
C GLY A 195 7.88 9.53 17.33
N SER A 196 8.97 9.46 16.59
CA SER A 196 9.01 9.90 15.18
C SER A 196 9.67 8.84 14.31
N LEU A 197 9.57 8.97 12.99
CA LEU A 197 10.57 8.36 12.08
C LEU A 197 11.95 8.90 12.45
N THR A 198 13.01 8.12 12.26
CA THR A 198 14.42 8.44 12.63
C THR A 198 15.21 8.82 11.37
N THR A 199 14.52 8.96 10.25
CA THR A 199 15.06 9.56 9.03
C THR A 199 14.03 10.56 8.55
N PRO A 200 14.43 11.55 7.72
CA PRO A 200 13.47 12.47 7.10
C PRO A 200 12.35 11.67 6.47
N PRO A 201 11.09 12.12 6.59
CA PRO A 201 10.76 13.39 7.24
C PRO A 201 10.54 13.41 8.78
N CYS A 202 10.99 12.39 9.52
CA CYS A 202 10.96 12.39 11.02
C CYS A 202 9.56 12.76 11.55
N ALA A 203 8.50 12.35 10.87
CA ALA A 203 7.10 12.64 11.25
C ALA A 203 6.81 12.02 12.61
N GLN A 204 6.11 12.76 13.46
CA GLN A 204 5.75 12.32 14.84
C GLN A 204 4.48 11.47 14.80
N GLY A 205 4.02 11.00 15.96
CA GLY A 205 2.83 10.15 16.06
C GLY A 205 3.18 8.69 15.87
N VAL A 206 4.47 8.32 15.85
CA VAL A 206 4.91 6.91 15.60
C VAL A 206 4.89 6.15 16.93
N ILE A 207 4.20 5.01 16.99
CA ILE A 207 4.25 4.13 18.20
C ILE A 207 5.46 3.20 18.06
N TRP A 208 6.46 3.38 18.93
CA TRP A 208 7.67 2.53 19.07
C TRP A 208 7.47 1.49 20.17
N THR A 209 7.70 0.23 19.82
CA THR A 209 7.75 -0.94 20.72
C THR A 209 9.17 -1.51 20.64
N VAL A 210 9.90 -1.44 21.75
CA VAL A 210 11.27 -1.95 21.90
C VAL A 210 11.18 -3.15 22.83
N PHE A 211 11.48 -4.32 22.27
CA PHE A 211 11.56 -5.62 22.99
C PHE A 211 12.64 -5.55 24.08
N GLN A 212 12.35 -6.17 25.22
CA GLN A 212 13.35 -6.40 26.30
C GLN A 212 14.37 -7.46 25.85
N GLN A 213 13.89 -8.61 25.37
CA GLN A 213 14.75 -9.70 24.87
C GLN A 213 15.44 -9.24 23.57
N THR A 214 16.70 -9.59 23.38
CA THR A 214 17.52 -9.23 22.19
C THR A 214 17.59 -10.46 21.29
N VAL A 215 18.00 -10.31 20.03
CA VAL A 215 18.26 -11.48 19.16
C VAL A 215 19.77 -11.63 18.95
N MET A 216 20.21 -12.88 18.83
CA MET A 216 21.64 -13.29 18.82
C MET A 216 22.09 -13.53 17.37
N LEU A 217 23.14 -12.84 16.93
CA LEU A 217 23.83 -13.12 15.65
C LEU A 217 25.24 -13.59 16.02
N SER A 218 25.92 -14.37 15.17
CA SER A 218 27.34 -14.74 15.37
C SER A 218 28.20 -13.50 15.12
N ALA A 219 29.43 -13.48 15.64
CA ALA A 219 30.43 -12.42 15.37
C ALA A 219 30.57 -12.26 13.86
N LYS A 220 30.61 -13.37 13.14
CA LYS A 220 30.82 -13.37 11.68
C LYS A 220 29.63 -12.64 11.07
N GLN A 221 28.41 -13.02 11.48
CA GLN A 221 27.16 -12.37 11.00
C GLN A 221 27.26 -10.86 11.27
N LEU A 222 27.64 -10.47 12.48
CA LEU A 222 27.71 -9.02 12.83
C LEU A 222 28.77 -8.33 11.95
N HIS A 223 29.92 -8.97 11.73
CA HIS A 223 30.98 -8.41 10.83
C HIS A 223 30.41 -8.29 9.40
N THR A 224 29.65 -9.26 8.91
CA THR A 224 29.12 -9.24 7.52
C THR A 224 28.21 -8.01 7.39
N LEU A 225 27.42 -7.72 8.40
CA LEU A 225 26.39 -6.65 8.33
C LEU A 225 27.12 -5.31 8.26
N SER A 226 28.15 -5.12 9.09
CA SER A 226 28.87 -3.82 9.28
C SER A 226 29.87 -3.58 8.15
N ASP A 227 30.35 -4.64 7.49
CA ASP A 227 31.59 -4.59 6.69
C ASP A 227 31.31 -4.80 5.19
N THR A 228 30.08 -5.02 4.74
CA THR A 228 29.84 -5.50 3.34
C THR A 228 29.29 -4.39 2.44
N LEU A 229 28.50 -3.45 2.95
CA LEU A 229 27.71 -2.50 2.11
C LEU A 229 28.44 -1.16 2.03
N TRP A 230 28.29 -0.46 0.88
CA TRP A 230 28.78 0.91 0.59
C TRP A 230 27.60 1.87 0.44
N GLY A 231 27.78 3.14 0.79
CA GLY A 231 26.72 4.16 0.77
C GLY A 231 27.08 5.29 -0.18
N PRO A 232 26.57 6.48 0.10
CA PRO A 232 26.84 7.63 -0.74
C PRO A 232 28.34 7.70 -1.04
N GLY A 233 28.71 7.64 -2.32
CA GLY A 233 30.12 7.71 -2.74
C GLY A 233 30.88 6.44 -2.45
N ASP A 234 32.16 6.55 -2.11
CA ASP A 234 33.03 5.39 -1.81
C ASP A 234 33.06 5.11 -0.30
N SER A 235 32.07 5.58 0.45
CA SER A 235 32.11 5.32 1.90
C SER A 235 31.41 3.99 2.22
N ARG A 236 31.98 3.24 3.16
CA ARG A 236 31.35 2.03 3.76
C ARG A 236 30.02 2.45 4.40
N LEU A 237 28.95 1.66 4.22
CA LEU A 237 27.64 1.90 4.90
C LEU A 237 27.79 1.40 6.33
N GLN A 238 28.02 2.34 7.27
CA GLN A 238 28.38 2.06 8.69
C GLN A 238 27.80 3.17 9.58
N LEU A 239 27.66 2.90 10.89
CA LEU A 239 27.28 3.90 11.92
C LEU A 239 26.02 4.64 11.45
N ASN A 240 25.12 3.87 10.82
CA ASN A 240 23.88 4.33 10.16
C ASN A 240 22.77 4.42 11.25
N PHE A 241 23.04 5.20 12.29
CA PHE A 241 22.12 5.43 13.43
C PHE A 241 22.04 6.92 13.73
N ARG A 242 20.85 7.38 14.09
CA ARG A 242 20.60 8.78 14.50
C ARG A 242 21.00 8.91 15.98
N ALA A 243 21.53 10.07 16.35
CA ALA A 243 21.83 10.43 17.75
C ALA A 243 20.55 10.34 18.59
N THR A 244 20.70 9.92 19.84
CA THR A 244 19.62 9.79 20.85
C THR A 244 18.93 11.17 21.04
N GLN A 245 17.60 11.20 21.11
CA GLN A 245 16.78 12.42 21.21
C GLN A 245 16.21 12.48 22.63
N PRO A 246 16.08 13.69 23.23
CA PRO A 246 15.56 13.79 24.58
C PRO A 246 14.09 13.37 24.64
N LEU A 247 13.70 12.71 25.72
CA LEU A 247 12.28 12.36 25.90
C LEU A 247 11.41 13.63 25.95
N ASN A 248 11.94 14.73 26.51
CA ASN A 248 11.26 16.05 26.58
C ASN A 248 9.90 15.91 27.30
N GLY A 249 9.85 15.10 28.36
CA GLY A 249 8.70 14.93 29.28
C GLY A 249 7.80 13.74 28.94
N ARG A 250 8.07 13.05 27.83
CA ARG A 250 7.37 11.80 27.47
C ARG A 250 7.73 10.73 28.51
N VAL A 251 6.80 9.83 28.79
CA VAL A 251 6.99 8.72 29.75
C VAL A 251 6.95 7.41 28.96
N ILE A 252 8.06 6.70 28.89
CA ILE A 252 8.16 5.37 28.26
C ILE A 252 7.36 4.43 29.13
N GLU A 253 6.48 3.64 28.54
CA GLU A 253 5.75 2.61 29.31
C GLU A 253 6.48 1.27 29.15
N ALA A 254 6.21 0.36 30.07
CA ALA A 254 6.80 -0.99 30.12
C ALA A 254 5.65 -1.94 30.40
N SER A 255 5.64 -3.11 29.75
CA SER A 255 4.63 -4.18 29.89
C SER A 255 4.87 -5.01 31.18
N PHE A 256 5.84 -4.62 32.03
CA PHE A 256 6.35 -5.37 33.20
C PHE A 256 6.89 -4.41 34.24
N PRO A 257 6.71 -4.71 35.54
CA PRO A 257 7.18 -3.84 36.62
C PRO A 257 8.72 -3.85 36.73
N TRP B 7 -32.48 7.82 12.40
CA TRP B 7 -32.41 6.87 13.56
C TRP B 7 -33.08 7.53 14.78
N ARG B 8 -33.52 6.72 15.74
CA ARG B 8 -34.05 7.15 17.06
C ARG B 8 -33.34 6.32 18.13
N TYR B 9 -33.63 6.52 19.42
CA TYR B 9 -32.92 5.75 20.47
C TYR B 9 -33.55 4.35 20.60
N GLY B 10 -33.08 3.42 19.75
CA GLY B 10 -33.45 1.98 19.75
C GLY B 10 -34.87 1.73 19.26
N GLY B 11 -35.29 2.40 18.18
CA GLY B 11 -36.64 2.24 17.59
C GLY B 11 -36.62 1.37 16.35
N ASP B 12 -36.85 1.96 15.17
CA ASP B 12 -36.81 1.24 13.86
C ASP B 12 -36.84 2.21 12.68
N PRO B 13 -35.69 2.91 12.38
CA PRO B 13 -34.35 2.69 12.95
C PRO B 13 -33.88 1.28 13.37
N PRO B 14 -32.97 0.15 12.78
CA PRO B 14 -32.18 -1.02 13.21
C PRO B 14 -30.74 -0.46 13.33
N TRP B 15 -30.08 -0.62 14.49
CA TRP B 15 -28.85 0.20 14.60
C TRP B 15 -27.75 -0.36 13.70
N PRO B 16 -27.35 -1.66 13.84
CA PRO B 16 -26.60 -2.34 12.77
C PRO B 16 -27.15 -2.20 11.34
N ARG B 17 -28.44 -1.87 11.16
CA ARG B 17 -29.11 -1.67 9.83
C ARG B 17 -28.83 -0.27 9.29
N VAL B 18 -29.02 0.80 10.09
CA VAL B 18 -28.61 2.20 9.73
C VAL B 18 -27.13 2.18 9.35
N SER B 19 -26.24 1.91 10.32
CA SER B 19 -24.80 1.63 10.05
C SER B 19 -24.37 0.34 10.73
N PRO B 20 -23.86 -0.64 9.95
CA PRO B 20 -23.34 -1.89 10.51
C PRO B 20 -22.09 -1.66 11.37
N ALA B 21 -21.51 -0.46 11.37
CA ALA B 21 -20.41 -0.12 12.30
C ALA B 21 -20.91 -0.19 13.75
N CYS B 22 -22.22 -0.09 13.96
CA CYS B 22 -22.83 -0.16 15.30
C CYS B 22 -22.66 -1.59 15.85
N ALA B 23 -22.32 -2.54 14.99
CA ALA B 23 -22.00 -3.94 15.38
C ALA B 23 -20.48 -4.19 15.35
N GLY B 24 -19.64 -3.14 15.37
CA GLY B 24 -18.19 -3.33 15.52
C GLY B 24 -17.84 -3.99 16.85
N ARG B 25 -16.61 -4.48 16.96
CA ARG B 25 -16.09 -5.15 18.19
C ARG B 25 -15.78 -4.15 19.33
N PHE B 26 -15.53 -2.86 19.06
CA PHE B 26 -14.93 -1.92 20.04
C PHE B 26 -15.78 -0.66 20.13
N GLN B 27 -16.95 -0.82 20.72
CA GLN B 27 -17.99 0.25 20.80
C GLN B 27 -18.03 0.85 22.20
N SER B 28 -18.78 1.95 22.27
CA SER B 28 -19.07 2.73 23.47
C SER B 28 -20.58 2.86 23.59
N PRO B 29 -21.15 3.04 24.80
CA PRO B 29 -20.40 3.10 26.05
C PRO B 29 -20.10 1.71 26.65
N VAL B 30 -19.38 1.69 27.77
CA VAL B 30 -18.97 0.45 28.50
C VAL B 30 -19.24 0.65 30.00
N ASP B 31 -19.30 -0.45 30.74
CA ASP B 31 -19.35 -0.43 32.20
C ASP B 31 -17.92 -0.34 32.71
N ILE B 32 -17.61 0.68 33.51
CA ILE B 32 -16.28 0.90 34.14
C ILE B 32 -16.24 0.14 35.47
N ARG B 33 -15.23 -0.72 35.63
CA ARG B 33 -14.95 -1.53 36.84
C ARG B 33 -13.59 -1.11 37.35
N PRO B 34 -13.53 -0.10 38.25
CA PRO B 34 -12.24 0.44 38.70
C PRO B 34 -11.23 -0.63 39.16
N GLN B 35 -11.71 -1.70 39.82
CA GLN B 35 -10.80 -2.75 40.34
C GLN B 35 -10.10 -3.43 39.16
N LEU B 36 -10.68 -3.38 37.97
CA LEU B 36 -10.12 -4.04 36.75
C LEU B 36 -9.39 -3.03 35.86
N ALA B 37 -9.39 -1.74 36.25
CA ALA B 37 -8.69 -0.71 35.45
C ALA B 37 -7.16 -0.89 35.58
N ALA B 38 -6.40 -0.73 34.50
CA ALA B 38 -4.92 -0.67 34.52
C ALA B 38 -4.46 0.75 34.89
N PHE B 39 -3.76 0.92 36.02
CA PHE B 39 -3.10 2.17 36.43
C PHE B 39 -1.88 2.41 35.54
N SER B 40 -1.80 3.52 34.81
CA SER B 40 -0.51 3.91 34.17
C SER B 40 -0.14 5.30 34.65
N PRO B 41 0.98 5.39 35.39
CA PRO B 41 1.53 6.67 35.79
C PRO B 41 1.88 7.54 34.57
N ALA B 42 1.83 7.03 33.35
CA ALA B 42 2.09 7.84 32.13
C ALA B 42 0.88 8.76 31.82
N LEU B 43 -0.32 8.43 32.32
CA LEU B 43 -1.52 9.29 32.13
C LEU B 43 -1.41 10.55 33.00
N ARG B 44 -0.97 11.66 32.41
CA ARG B 44 -0.76 12.96 33.09
C ARG B 44 -2.09 13.68 33.28
N PRO B 45 -2.15 14.76 34.08
CA PRO B 45 -3.36 15.57 34.18
C PRO B 45 -3.79 16.14 32.82
N LEU B 46 -5.08 16.11 32.53
CA LEU B 46 -5.68 16.72 31.32
C LEU B 46 -5.30 18.21 31.30
N GLU B 47 -4.93 18.71 30.13
CA GLU B 47 -4.64 20.16 29.93
C GLU B 47 -5.74 20.75 29.06
N LEU B 48 -6.55 21.68 29.59
CA LEU B 48 -7.63 22.37 28.84
C LEU B 48 -7.41 23.89 28.88
N LEU B 49 -6.96 24.47 27.77
CA LEU B 49 -6.70 25.92 27.65
C LEU B 49 -7.71 26.57 26.71
N GLY B 50 -8.09 27.82 27.01
CA GLY B 50 -8.98 28.61 26.15
C GLY B 50 -10.43 28.29 26.39
N PHE B 51 -10.77 27.59 27.48
CA PHE B 51 -12.17 27.18 27.76
C PHE B 51 -12.96 28.32 28.46
N GLN B 52 -12.27 29.30 29.04
CA GLN B 52 -12.92 30.42 29.76
C GLN B 52 -13.40 31.43 28.72
N LEU B 53 -14.58 31.23 28.15
CA LEU B 53 -15.10 32.05 27.02
C LEU B 53 -15.68 33.38 27.53
N PRO B 54 -15.57 34.48 26.76
CA PRO B 54 -16.16 35.75 27.16
C PRO B 54 -17.63 35.70 26.76
N PRO B 55 -18.49 36.56 27.35
CA PRO B 55 -19.92 36.54 27.05
C PRO B 55 -20.28 36.72 25.57
N LEU B 56 -19.39 37.31 24.76
CA LEU B 56 -19.60 37.52 23.31
C LEU B 56 -18.33 37.11 22.58
N PRO B 57 -18.40 36.42 21.41
CA PRO B 57 -19.66 36.08 20.75
C PRO B 57 -20.51 35.04 21.50
N GLU B 58 -21.80 35.05 21.20
CA GLU B 58 -22.80 34.10 21.72
C GLU B 58 -22.62 32.78 20.96
N LEU B 59 -23.18 31.69 21.50
CA LEU B 59 -22.98 30.30 21.01
C LEU B 59 -24.33 29.70 20.63
N ARG B 60 -24.36 28.88 19.58
CA ARG B 60 -25.55 28.10 19.17
C ARG B 60 -25.80 26.99 20.22
N LEU B 61 -26.98 26.99 20.84
CA LEU B 61 -27.55 25.86 21.65
C LEU B 61 -28.74 25.32 20.88
N ARG B 62 -28.76 24.03 20.56
CA ARG B 62 -29.71 23.43 19.60
C ARG B 62 -30.29 22.13 20.16
N ASN B 63 -31.58 21.87 19.87
CA ASN B 63 -32.27 20.58 20.15
C ASN B 63 -32.34 19.84 18.82
N ASN B 64 -31.38 18.94 18.56
CA ASN B 64 -31.28 18.17 17.30
C ASN B 64 -32.27 16.99 17.35
N GLY B 65 -33.07 16.88 18.40
CA GLY B 65 -34.09 15.82 18.56
C GLY B 65 -33.59 14.64 19.38
N HIS B 66 -32.27 14.40 19.40
CA HIS B 66 -31.64 13.24 20.08
C HIS B 66 -30.89 13.75 21.33
N SER B 67 -30.58 15.04 21.39
CA SER B 67 -29.87 15.67 22.53
C SER B 67 -29.95 17.21 22.42
N VAL B 68 -29.48 17.92 23.46
CA VAL B 68 -29.18 19.39 23.36
C VAL B 68 -27.66 19.53 23.13
N GLN B 69 -27.27 20.23 22.07
CA GLN B 69 -25.84 20.48 21.78
C GLN B 69 -25.52 21.98 21.77
N LEU B 70 -24.37 22.29 22.35
CA LEU B 70 -23.72 23.60 22.29
C LEU B 70 -22.53 23.51 21.32
N THR B 71 -22.54 24.34 20.29
CA THR B 71 -21.41 24.52 19.36
C THR B 71 -20.38 25.39 20.08
N LEU B 72 -19.11 25.04 19.93
CA LEU B 72 -18.00 25.71 20.61
C LEU B 72 -17.15 26.39 19.55
N PRO B 73 -16.64 27.60 19.82
CA PRO B 73 -15.85 28.34 18.84
C PRO B 73 -14.46 27.76 18.75
N PRO B 74 -13.63 28.23 17.80
CA PRO B 74 -12.23 27.84 17.80
C PRO B 74 -11.54 28.43 19.04
N GLY B 75 -10.23 27.67 19.36
CA GLY B 75 -9.39 28.18 20.44
C GLY B 75 -9.47 27.36 21.71
N LEU B 76 -10.38 26.39 21.82
CA LEU B 76 -10.46 25.51 23.02
C LEU B 76 -9.48 24.35 22.83
N GLU B 77 -8.29 24.44 23.41
CA GLU B 77 -7.19 23.49 23.16
C GLU B 77 -7.18 22.47 24.30
N MET B 78 -7.02 21.19 23.95
CA MET B 78 -6.99 20.08 24.94
C MET B 78 -5.87 19.09 24.59
N ALA B 79 -5.12 18.62 25.59
CA ALA B 79 -4.05 17.62 25.42
C ALA B 79 -4.30 16.41 26.33
N LEU B 80 -4.30 15.21 25.73
CA LEU B 80 -4.33 13.92 26.47
C LEU B 80 -2.89 13.52 26.89
N GLY B 81 -1.89 14.08 26.22
CA GLY B 81 -0.49 13.89 26.59
C GLY B 81 0.36 14.96 25.94
N PRO B 82 1.89 14.40 25.85
CA PRO B 82 2.73 15.34 25.14
C PRO B 82 2.57 15.16 23.63
N GLY B 83 2.26 16.23 22.89
CA GLY B 83 1.97 16.18 21.45
C GLY B 83 0.68 15.45 21.08
N ARG B 84 -0.19 15.08 22.02
CA ARG B 84 -1.54 14.52 21.72
C ARG B 84 -2.57 15.63 21.96
N GLU B 85 -2.70 16.53 20.98
CA GLU B 85 -3.49 17.79 21.13
C GLU B 85 -4.78 17.72 20.30
N TYR B 86 -5.76 18.46 20.74
CA TYR B 86 -7.19 18.36 20.37
C TYR B 86 -7.80 19.77 20.43
N ARG B 87 -8.91 19.94 19.70
CA ARG B 87 -9.68 21.20 19.64
C ARG B 87 -11.12 20.82 19.90
N ALA B 88 -11.76 21.42 20.89
CA ALA B 88 -13.17 21.14 21.23
C ALA B 88 -14.07 21.62 20.08
N LEU B 89 -15.06 20.82 19.68
CA LEU B 89 -16.03 21.16 18.61
C LEU B 89 -17.37 21.56 19.21
N GLN B 90 -17.85 20.77 20.17
CA GLN B 90 -19.20 20.86 20.76
C GLN B 90 -19.25 20.09 22.06
N LEU B 91 -20.27 20.36 22.88
CA LEU B 91 -20.65 19.48 24.00
C LEU B 91 -22.14 19.21 23.88
N HIS B 92 -22.57 18.10 24.44
CA HIS B 92 -23.99 17.69 24.47
C HIS B 92 -24.20 16.81 25.71
N LEU B 93 -25.43 16.44 26.01
CA LEU B 93 -25.72 15.72 27.27
C LEU B 93 -26.59 14.50 26.97
N HIS B 94 -26.54 13.54 27.87
CA HIS B 94 -27.39 12.34 27.85
C HIS B 94 -28.10 12.36 29.20
N TRP B 95 -29.38 12.01 29.24
CA TRP B 95 -30.21 12.14 30.46
C TRP B 95 -31.36 11.14 30.45
N GLY B 96 -31.95 10.96 31.64
CA GLY B 96 -32.94 9.90 31.92
C GLY B 96 -34.36 10.39 31.77
N ALA B 97 -35.16 10.21 32.81
CA ALA B 97 -36.57 10.66 32.88
C ALA B 97 -36.95 10.90 34.34
N ALA B 98 -38.26 10.98 34.61
CA ALA B 98 -38.83 11.12 35.97
C ALA B 98 -38.15 10.10 36.90
N GLY B 99 -37.08 10.54 37.61
CA GLY B 99 -36.35 9.69 38.58
C GLY B 99 -35.79 8.43 37.93
N ARG B 100 -35.38 8.51 36.66
CA ARG B 100 -34.71 7.39 35.96
C ARG B 100 -33.37 7.91 35.46
N PRO B 101 -32.24 7.24 35.80
CA PRO B 101 -30.93 7.74 35.39
C PRO B 101 -30.69 7.50 33.88
N GLY B 102 -29.97 8.44 33.23
CA GLY B 102 -29.71 8.42 31.77
C GLY B 102 -28.25 8.64 31.38
N SER B 103 -27.27 8.40 32.26
CA SER B 103 -25.84 8.36 31.85
C SER B 103 -25.62 7.23 30.83
N GLU B 104 -24.62 7.38 29.97
CA GLU B 104 -24.28 6.37 28.94
C GLU B 104 -23.32 5.36 29.56
N HIS B 105 -22.17 5.83 30.07
CA HIS B 105 -21.24 4.98 30.86
C HIS B 105 -21.96 4.64 32.18
N THR B 106 -21.60 3.49 32.75
CA THR B 106 -21.98 3.05 34.10
C THR B 106 -20.70 2.73 34.88
N VAL B 107 -20.79 2.73 36.21
CA VAL B 107 -19.68 2.35 37.10
C VAL B 107 -20.17 1.20 37.97
N GLU B 108 -19.57 0.02 37.78
CA GLU B 108 -19.95 -1.24 38.45
C GLU B 108 -21.47 -1.38 38.35
N GLY B 109 -22.07 -1.10 37.20
CA GLY B 109 -23.52 -1.29 36.98
C GLY B 109 -24.36 -0.11 37.44
N HIS B 110 -23.84 0.82 38.25
CA HIS B 110 -24.54 2.09 38.64
C HIS B 110 -24.67 3.03 37.43
N ARG B 111 -25.90 3.38 37.08
CA ARG B 111 -26.20 4.45 36.08
C ARG B 111 -26.44 5.76 36.83
N PHE B 112 -25.74 6.85 36.45
CA PHE B 112 -25.87 8.19 37.06
C PHE B 112 -27.01 8.93 36.39
N PRO B 113 -27.59 9.98 37.02
CA PRO B 113 -28.68 10.77 36.43
C PRO B 113 -28.44 11.24 34.97
N ALA B 114 -27.24 11.72 34.67
CA ALA B 114 -26.92 12.30 33.34
C ALA B 114 -25.41 12.28 33.09
N GLU B 115 -25.03 12.55 31.83
CA GLU B 115 -23.61 12.58 31.41
C GLU B 115 -23.38 13.73 30.45
N ILE B 116 -22.26 14.43 30.58
CA ILE B 116 -21.84 15.48 29.60
C ILE B 116 -20.68 14.93 28.75
N HIS B 117 -20.75 15.17 27.45
CA HIS B 117 -19.70 14.83 26.46
C HIS B 117 -19.20 16.10 25.80
N VAL B 118 -17.90 16.35 25.93
CA VAL B 118 -17.19 17.39 25.15
C VAL B 118 -16.36 16.70 24.04
N VAL B 119 -16.75 16.90 22.79
CA VAL B 119 -16.20 16.20 21.61
C VAL B 119 -15.10 17.09 21.05
N HIS B 120 -13.94 16.50 20.79
CA HIS B 120 -12.73 17.17 20.28
C HIS B 120 -12.21 16.47 19.01
N LEU B 121 -11.47 17.22 18.18
CA LEU B 121 -10.85 16.80 16.91
C LEU B 121 -9.35 16.89 17.11
N SER B 122 -8.64 15.82 16.82
CA SER B 122 -7.16 15.80 16.77
C SER B 122 -6.69 16.95 15.87
N THR B 123 -5.65 17.67 16.28
CA THR B 123 -5.03 18.81 15.54
C THR B 123 -4.47 18.28 14.21
N ALA B 124 -4.15 16.63 14.24
CA ALA B 124 -3.50 16.06 13.05
C ALA B 124 -4.50 15.91 11.91
N PHE B 125 -5.78 16.22 12.12
CA PHE B 125 -6.89 16.10 11.14
C PHE B 125 -7.59 17.45 10.99
N ALA B 126 -7.78 17.88 9.73
CA ALA B 126 -8.39 19.18 9.38
C ALA B 126 -9.91 19.06 9.50
N ARG B 127 -10.43 17.89 9.20
CA ARG B 127 -11.88 17.63 9.11
C ARG B 127 -12.25 16.46 10.01
N VAL B 128 -13.44 16.54 10.57
CA VAL B 128 -14.10 15.48 11.38
C VAL B 128 -14.16 14.22 10.53
N ASP B 129 -14.47 14.33 9.24
CA ASP B 129 -14.79 13.17 8.38
C ASP B 129 -13.48 12.42 8.04
N GLU B 130 -12.32 13.05 8.14
CA GLU B 130 -11.01 12.38 8.02
C GLU B 130 -10.71 11.66 9.34
N ALA B 131 -11.18 12.21 10.47
CA ALA B 131 -10.92 11.67 11.81
C ALA B 131 -11.83 10.45 12.11
N LEU B 132 -13.00 10.34 11.48
CA LEU B 132 -13.97 9.28 11.81
C LEU B 132 -13.37 7.94 11.44
N GLY B 133 -13.34 6.98 12.37
CA GLY B 133 -12.75 5.64 12.15
C GLY B 133 -11.22 5.63 12.26
N ARG B 134 -10.56 6.76 12.47
CA ARG B 134 -9.08 6.74 12.60
C ARG B 134 -8.74 6.76 14.09
N PRO B 135 -7.73 5.99 14.56
CA PRO B 135 -7.45 5.92 15.99
C PRO B 135 -6.98 7.28 16.55
N GLY B 136 -7.64 7.72 17.61
CA GLY B 136 -7.34 9.01 18.25
C GLY B 136 -7.82 10.22 17.44
N GLY B 137 -8.46 10.03 16.28
CA GLY B 137 -8.93 11.18 15.48
C GLY B 137 -9.87 12.06 16.29
N LEU B 138 -10.84 11.45 16.97
CA LEU B 138 -11.72 12.15 17.95
C LEU B 138 -11.39 11.71 19.38
N ALA B 139 -11.57 12.62 20.32
CA ALA B 139 -11.47 12.36 21.77
C ALA B 139 -12.69 13.02 22.40
N VAL B 140 -13.32 12.30 23.33
CA VAL B 140 -14.46 12.84 24.13
C VAL B 140 -14.08 12.89 25.61
N LEU B 141 -14.32 14.03 26.28
CA LEU B 141 -14.25 14.17 27.75
C LEU B 141 -15.67 13.92 28.28
N ALA B 142 -15.82 12.97 29.19
CA ALA B 142 -17.13 12.54 29.72
C ALA B 142 -17.11 12.75 31.24
N ALA B 143 -18.20 13.30 31.78
CA ALA B 143 -18.37 13.44 33.26
C ALA B 143 -19.80 13.08 33.63
N PHE B 144 -19.97 12.46 34.79
CA PHE B 144 -21.28 12.07 35.34
C PHE B 144 -21.86 13.26 36.09
N LEU B 145 -23.11 13.60 35.78
CA LEU B 145 -23.93 14.56 36.56
C LEU B 145 -24.71 13.77 37.60
N GLU B 146 -24.55 14.10 38.88
CA GLU B 146 -25.22 13.49 40.07
C GLU B 146 -26.10 14.54 40.75
N GLU B 147 -27.04 14.11 41.59
CA GLU B 147 -27.86 15.05 42.42
C GLU B 147 -27.07 15.45 43.67
N GLY B 148 -26.95 16.76 43.89
CA GLY B 148 -26.39 17.37 45.10
C GLY B 148 -27.34 18.45 45.63
N PRO B 149 -27.12 18.91 46.89
CA PRO B 149 -28.05 19.83 47.54
C PRO B 149 -28.13 21.22 46.89
N GLU B 150 -27.01 21.76 46.42
CA GLU B 150 -26.90 23.12 45.84
C GLU B 150 -27.35 23.14 44.36
N GLU B 151 -27.82 24.30 43.92
CA GLU B 151 -28.03 24.71 42.50
C GLU B 151 -26.66 24.93 41.84
N ASN B 152 -26.45 24.38 40.63
CA ASN B 152 -25.14 24.45 39.92
C ASN B 152 -25.17 25.65 38.96
N SER B 153 -24.29 26.61 39.19
CA SER B 153 -24.25 27.91 38.47
C SER B 153 -23.89 27.71 36.99
N ALA B 154 -22.83 26.97 36.70
CA ALA B 154 -22.38 26.74 35.31
C ALA B 154 -23.54 26.09 34.55
N TYR B 155 -24.17 25.07 35.13
CA TYR B 155 -25.21 24.30 34.42
C TYR B 155 -26.48 25.15 34.27
N GLU B 156 -26.79 26.02 35.23
CA GLU B 156 -28.00 26.89 35.16
C GLU B 156 -27.94 27.71 33.85
N GLN B 157 -26.76 28.22 33.47
CA GLN B 157 -26.57 29.05 32.25
C GLN B 157 -27.17 28.34 31.03
N LEU B 158 -27.17 27.00 31.03
CA LEU B 158 -27.69 26.17 29.92
C LEU B 158 -29.12 25.70 30.16
N LEU B 159 -29.43 25.25 31.38
CA LEU B 159 -30.76 24.65 31.68
C LEU B 159 -31.85 25.75 31.61
N SER B 160 -31.53 26.96 32.07
CA SER B 160 -32.46 28.12 32.08
C SER B 160 -32.94 28.41 30.65
N ARG B 161 -32.17 28.05 29.62
CA ARG B 161 -32.42 28.40 28.19
C ARG B 161 -33.08 27.25 27.42
N LEU B 162 -33.50 26.17 28.10
CA LEU B 162 -34.02 24.95 27.44
C LEU B 162 -35.48 25.17 27.00
N GLU B 163 -36.28 25.89 27.81
CA GLU B 163 -37.70 26.24 27.52
C GLU B 163 -37.77 26.73 26.08
N GLU B 164 -36.83 27.60 25.71
CA GLU B 164 -36.78 28.30 24.40
C GLU B 164 -36.52 27.34 23.23
N ILE B 165 -36.11 26.09 23.49
CA ILE B 165 -35.75 25.13 22.41
C ILE B 165 -36.41 23.77 22.65
N ALA B 166 -37.56 23.73 23.32
CA ALA B 166 -38.34 22.49 23.56
C ALA B 166 -38.64 21.78 22.22
N GLU B 167 -38.93 22.55 21.17
CA GLU B 167 -39.27 22.02 19.81
C GLU B 167 -38.06 21.29 19.22
N GLU B 168 -38.26 20.08 18.69
CA GLU B 168 -37.29 19.41 17.77
C GLU B 168 -36.82 20.46 16.75
N GLY B 169 -35.51 20.58 16.53
CA GLY B 169 -34.92 21.37 15.43
C GLY B 169 -34.70 22.82 15.82
N SER B 170 -35.27 23.20 16.96
CA SER B 170 -35.22 24.57 17.52
C SER B 170 -33.82 24.91 17.99
N GLU B 171 -33.45 26.19 17.96
CA GLU B 171 -32.11 26.60 18.44
C GLU B 171 -32.24 28.04 18.97
N THR B 172 -31.33 28.43 19.85
CA THR B 172 -31.21 29.80 20.40
C THR B 172 -29.72 30.14 20.40
N GLN B 173 -29.39 31.40 20.71
CA GLN B 173 -28.01 31.88 20.98
C GLN B 173 -27.91 32.04 22.49
N VAL B 174 -26.75 31.76 23.09
CA VAL B 174 -26.54 31.93 24.56
C VAL B 174 -25.18 32.58 24.75
N PRO B 175 -24.98 33.33 25.85
CA PRO B 175 -23.70 34.01 26.07
C PRO B 175 -22.57 32.99 26.27
N GLY B 176 -21.36 33.36 25.85
CA GLY B 176 -20.14 32.65 26.25
C GLY B 176 -20.16 32.38 27.74
N LEU B 177 -19.67 31.20 28.13
CA LEU B 177 -19.52 30.76 29.54
C LEU B 177 -18.21 29.99 29.66
N ASP B 178 -17.73 29.80 30.90
CA ASP B 178 -16.53 28.98 31.17
C ASP B 178 -16.93 27.52 30.96
N ILE B 179 -16.59 26.90 29.84
CA ILE B 179 -16.98 25.49 29.55
C ILE B 179 -16.32 24.55 30.58
N SER B 180 -15.12 24.89 31.04
CA SER B 180 -14.30 24.09 31.99
C SER B 180 -14.98 24.06 33.35
N ALA B 181 -15.86 25.03 33.63
CA ALA B 181 -16.69 25.05 34.86
C ALA B 181 -17.74 23.93 34.87
N LEU B 182 -18.07 23.34 33.73
CA LEU B 182 -19.07 22.23 33.62
C LEU B 182 -18.47 20.87 34.00
N LEU B 183 -17.17 20.84 34.31
CA LEU B 183 -16.36 19.62 34.43
C LEU B 183 -15.89 19.51 35.87
N PRO B 184 -15.56 18.28 36.31
CA PRO B 184 -15.22 18.01 37.71
C PRO B 184 -13.94 18.70 38.16
N SER B 185 -13.67 18.53 39.45
CA SER B 185 -12.61 19.22 40.20
C SER B 185 -11.18 18.82 39.73
N ASP B 186 -10.88 17.53 39.64
CA ASP B 186 -9.50 16.99 39.54
C ASP B 186 -9.23 16.42 38.14
N PHE B 187 -8.49 17.17 37.32
CA PHE B 187 -8.11 16.80 35.95
C PHE B 187 -7.03 15.70 35.92
N SER B 188 -6.59 15.22 37.07
CA SER B 188 -5.52 14.18 37.20
C SER B 188 -6.11 12.81 37.41
N ARG B 189 -7.44 12.73 37.57
CA ARG B 189 -8.15 11.50 37.97
C ARG B 189 -9.21 11.18 36.93
N TYR B 190 -8.92 10.20 36.08
CA TYR B 190 -9.81 9.77 34.98
C TYR B 190 -9.53 8.30 34.63
N PHE B 191 -10.53 7.71 33.97
CA PHE B 191 -10.48 6.44 33.25
C PHE B 191 -10.30 6.74 31.74
N GLN B 192 -9.64 5.87 31.00
CA GLN B 192 -9.41 6.13 29.55
C GLN B 192 -9.42 4.82 28.78
N TYR B 193 -10.14 4.79 27.65
CA TYR B 193 -10.16 3.65 26.71
C TYR B 193 -10.51 4.15 25.31
N GLU B 194 -10.36 3.26 24.35
CA GLU B 194 -10.71 3.49 22.95
C GLU B 194 -12.03 2.75 22.63
N GLY B 195 -12.99 3.47 22.04
CA GLY B 195 -14.28 2.96 21.61
C GLY B 195 -14.81 3.72 20.42
N SER B 196 -16.11 4.03 20.45
CA SER B 196 -16.89 4.51 19.31
C SER B 196 -17.73 5.72 19.70
N LEU B 197 -18.28 6.39 18.70
CA LEU B 197 -19.46 7.27 18.87
C LEU B 197 -20.57 6.40 19.44
N THR B 198 -21.39 6.93 20.35
CA THR B 198 -22.54 6.20 20.95
C THR B 198 -23.82 6.42 20.13
N THR B 199 -23.72 7.13 19.00
CA THR B 199 -24.80 7.22 18.00
C THR B 199 -24.24 6.82 16.65
N PRO B 200 -25.11 6.38 15.71
CA PRO B 200 -24.73 6.27 14.30
C PRO B 200 -23.97 7.51 13.91
N PRO B 201 -22.86 7.42 13.17
CA PRO B 201 -22.42 6.15 12.57
C PRO B 201 -21.56 5.18 13.39
N CYS B 202 -21.42 5.39 14.71
CA CYS B 202 -20.80 4.40 15.63
C CYS B 202 -19.34 4.17 15.22
N ALA B 203 -18.68 5.20 14.69
CA ALA B 203 -17.29 5.11 14.19
C ALA B 203 -16.38 4.76 15.38
N GLN B 204 -15.48 3.80 15.18
CA GLN B 204 -14.40 3.41 16.16
C GLN B 204 -13.17 4.34 16.05
N GLY B 205 -12.19 4.16 16.95
CA GLY B 205 -10.99 5.00 17.08
C GLY B 205 -11.19 6.21 18.01
N VAL B 206 -12.32 6.33 18.73
CA VAL B 206 -12.60 7.46 19.67
C VAL B 206 -11.87 7.21 21.02
N ILE B 207 -11.01 8.14 21.45
CA ILE B 207 -10.44 8.10 22.82
C ILE B 207 -11.50 8.67 23.78
N TRP B 208 -12.07 7.84 24.63
CA TRP B 208 -12.97 8.27 25.74
C TRP B 208 -12.14 8.48 27.01
N THR B 209 -12.28 9.65 27.62
CA THR B 209 -11.70 9.96 28.95
C THR B 209 -12.86 10.28 29.87
N VAL B 210 -13.03 9.47 30.91
CA VAL B 210 -14.20 9.57 31.83
C VAL B 210 -13.66 10.00 33.19
N PHE B 211 -14.01 11.21 33.63
CA PHE B 211 -13.52 11.75 34.91
C PHE B 211 -13.93 10.78 36.01
N GLN B 212 -13.06 10.51 36.97
CA GLN B 212 -13.46 9.76 38.19
C GLN B 212 -14.53 10.51 38.99
N GLN B 213 -14.31 11.78 39.27
CA GLN B 213 -15.26 12.46 40.19
C GLN B 213 -16.40 13.08 39.36
N THR B 214 -17.50 13.36 40.01
CA THR B 214 -18.77 13.78 39.38
C THR B 214 -18.96 15.29 39.57
N VAL B 215 -19.99 15.81 38.88
CA VAL B 215 -20.53 17.18 39.10
C VAL B 215 -21.94 17.00 39.62
N MET B 216 -22.35 17.92 40.50
CA MET B 216 -23.65 17.87 41.22
C MET B 216 -24.57 18.96 40.66
N LEU B 217 -25.80 18.58 40.31
CA LEU B 217 -26.90 19.54 40.01
C LEU B 217 -28.00 19.31 41.05
N SER B 218 -28.78 20.34 41.37
CA SER B 218 -30.01 20.26 42.21
C SER B 218 -31.03 19.33 41.54
N ALA B 219 -32.00 18.82 42.29
CA ALA B 219 -33.08 17.93 41.81
C ALA B 219 -33.89 18.67 40.75
N LYS B 220 -34.15 19.96 40.97
CA LYS B 220 -34.91 20.81 40.03
C LYS B 220 -34.19 20.82 38.67
N GLN B 221 -32.88 21.11 38.69
CA GLN B 221 -32.00 21.21 37.50
C GLN B 221 -32.07 19.91 36.69
N LEU B 222 -31.96 18.78 37.36
CA LEU B 222 -32.01 17.45 36.68
C LEU B 222 -33.43 17.18 36.20
N HIS B 223 -34.46 17.74 36.86
CA HIS B 223 -35.86 17.71 36.35
C HIS B 223 -35.98 18.67 35.16
N THR B 224 -35.48 19.90 35.29
CA THR B 224 -35.41 20.84 34.15
C THR B 224 -34.86 20.08 32.94
N LEU B 225 -33.74 19.35 33.10
CA LEU B 225 -32.99 18.70 31.98
C LEU B 225 -33.82 17.59 31.31
N SER B 226 -34.44 16.71 32.11
CA SER B 226 -35.17 15.51 31.60
C SER B 226 -36.53 15.90 31.01
N ASP B 227 -37.20 16.93 31.56
CA ASP B 227 -38.66 17.11 31.40
C ASP B 227 -39.01 18.22 30.38
N THR B 228 -38.03 18.93 29.81
CA THR B 228 -38.30 20.17 29.01
C THR B 228 -38.34 19.93 27.50
N LEU B 229 -37.59 18.95 26.94
CA LEU B 229 -37.38 18.88 25.46
C LEU B 229 -38.23 17.78 24.84
N TRP B 230 -38.62 17.98 23.58
CA TRP B 230 -39.39 17.03 22.72
C TRP B 230 -38.48 16.51 21.60
N GLY B 231 -38.72 15.28 21.17
CA GLY B 231 -37.95 14.63 20.08
C GLY B 231 -38.85 14.26 18.90
N PRO B 232 -38.49 13.15 18.22
CA PRO B 232 -39.28 12.54 17.14
C PRO B 232 -40.66 11.97 17.55
N GLY B 233 -41.76 13.04 16.87
CA GLY B 233 -43.20 12.86 17.00
C GLY B 233 -43.75 13.64 18.18
N ASP B 234 -44.59 13.01 18.99
CA ASP B 234 -45.14 13.60 20.23
C ASP B 234 -44.48 12.83 21.39
N SER B 235 -43.16 12.75 21.32
CA SER B 235 -42.26 11.98 22.21
C SER B 235 -41.40 12.95 23.02
N ARG B 236 -41.25 12.74 24.33
CA ARG B 236 -40.36 13.61 25.15
C ARG B 236 -38.92 13.17 24.91
N LEU B 237 -38.02 14.13 24.65
CA LEU B 237 -36.57 13.84 24.48
C LEU B 237 -36.02 13.39 25.84
N GLN B 238 -35.93 12.07 26.03
CA GLN B 238 -35.56 11.42 27.31
C GLN B 238 -34.92 10.06 27.05
N LEU B 239 -34.19 9.52 28.04
CA LEU B 239 -33.49 8.20 27.93
C LEU B 239 -32.67 8.15 26.62
N ASN B 240 -31.94 9.23 26.33
CA ASN B 240 -31.16 9.43 25.08
C ASN B 240 -29.76 8.85 25.31
N PHE B 241 -29.70 7.55 25.70
CA PHE B 241 -28.45 6.82 26.03
C PHE B 241 -28.46 5.45 25.36
N ARG B 242 -27.28 5.02 24.90
CA ARG B 242 -27.13 3.69 24.28
C ARG B 242 -26.91 2.66 25.39
N ALA B 243 -27.30 1.41 25.17
CA ALA B 243 -26.96 0.30 26.09
C ALA B 243 -25.44 0.09 26.14
N THR B 244 -24.98 -0.36 27.31
CA THR B 244 -23.59 -0.74 27.68
C THR B 244 -23.07 -1.77 26.66
N GLN B 245 -21.85 -1.61 26.15
CA GLN B 245 -21.25 -2.49 25.11
C GLN B 245 -20.13 -3.31 25.74
N PRO B 246 -19.88 -4.54 25.29
CA PRO B 246 -18.74 -5.31 25.81
C PRO B 246 -17.35 -4.75 25.44
N LEU B 247 -16.39 -4.92 26.34
CA LEU B 247 -15.00 -4.46 26.14
C LEU B 247 -14.29 -5.30 25.08
N ASN B 248 -14.62 -6.59 24.97
CA ASN B 248 -13.97 -7.51 24.01
C ASN B 248 -12.46 -7.48 24.16
N GLY B 249 -11.93 -7.48 25.37
CA GLY B 249 -10.48 -7.61 25.55
C GLY B 249 -9.82 -6.27 25.80
N ARG B 250 -10.54 -5.16 25.55
CA ARG B 250 -9.99 -3.80 25.81
C ARG B 250 -9.82 -3.61 27.33
N VAL B 251 -8.69 -3.08 27.77
CA VAL B 251 -8.49 -2.80 29.22
C VAL B 251 -8.69 -1.30 29.43
N ILE B 252 -9.58 -0.92 30.32
CA ILE B 252 -9.73 0.50 30.72
C ILE B 252 -8.50 0.88 31.55
N GLU B 253 -7.88 2.01 31.24
CA GLU B 253 -6.75 2.50 32.06
C GLU B 253 -7.27 3.55 33.05
N ALA B 254 -6.50 3.77 34.10
CA ALA B 254 -6.76 4.75 35.17
C ALA B 254 -5.49 5.57 35.39
N SER B 255 -5.67 6.85 35.71
CA SER B 255 -4.61 7.85 35.92
C SER B 255 -4.12 7.86 37.37
N PHE B 256 -4.65 6.99 38.22
CA PHE B 256 -4.42 6.99 39.69
C PHE B 256 -4.40 5.55 40.16
N PRO B 257 -3.58 5.22 41.20
CA PRO B 257 -3.44 3.87 41.70
C PRO B 257 -4.71 3.38 42.39
N TRP C 7 -5.05 21.08 -10.24
CA TRP C 7 -5.54 21.02 -11.66
C TRP C 7 -7.08 20.98 -11.70
N ARG C 8 -7.64 20.90 -12.92
CA ARG C 8 -9.11 20.86 -13.17
C ARG C 8 -9.39 20.24 -14.54
N TYR C 9 -10.64 19.78 -14.76
CA TYR C 9 -11.18 19.31 -16.06
C TYR C 9 -11.85 20.51 -16.77
N GLY C 10 -11.15 21.12 -17.74
CA GLY C 10 -11.63 22.31 -18.49
C GLY C 10 -10.92 23.58 -18.07
N GLY C 11 -10.67 23.76 -16.76
CA GLY C 11 -9.93 24.91 -16.19
C GLY C 11 -8.44 24.77 -16.44
N ASP C 12 -7.59 25.36 -15.59
CA ASP C 12 -6.12 25.18 -15.68
C ASP C 12 -5.73 24.64 -14.34
N PRO C 13 -4.63 23.82 -14.11
CA PRO C 13 -3.26 23.90 -14.61
C PRO C 13 -3.01 23.21 -15.97
N PRO C 14 -2.58 23.72 -17.54
CA PRO C 14 -1.86 23.02 -18.62
C PRO C 14 -1.21 21.81 -17.95
N TRP C 15 -1.91 20.70 -18.14
CA TRP C 15 -1.63 19.36 -17.54
C TRP C 15 -0.15 18.97 -17.69
N PRO C 16 0.43 19.04 -18.92
CA PRO C 16 1.86 18.78 -19.07
C PRO C 16 2.76 19.65 -18.17
N ARG C 17 2.24 20.81 -17.72
CA ARG C 17 2.90 21.73 -16.74
C ARG C 17 2.73 21.22 -15.30
N VAL C 18 1.99 20.11 -15.10
CA VAL C 18 1.79 19.40 -13.79
C VAL C 18 2.56 18.07 -13.83
N SER C 19 2.52 17.34 -14.96
CA SER C 19 3.31 16.12 -15.19
C SER C 19 3.74 16.02 -16.65
N PRO C 20 5.07 16.00 -16.93
CA PRO C 20 5.60 15.77 -18.26
C PRO C 20 4.96 14.56 -18.96
N ALA C 21 4.74 13.47 -18.21
CA ALA C 21 4.17 12.18 -18.68
C ALA C 21 2.82 12.39 -19.39
N CYS C 22 2.04 13.41 -18.99
CA CYS C 22 0.70 13.74 -19.58
C CYS C 22 0.87 14.23 -21.03
N ALA C 23 2.12 14.34 -21.49
CA ALA C 23 2.53 14.68 -22.89
C ALA C 23 3.20 13.47 -23.57
N GLY C 24 2.99 12.25 -23.08
CA GLY C 24 3.49 11.02 -23.71
C GLY C 24 2.69 10.63 -24.95
N ARG C 25 3.26 9.78 -25.80
CA ARG C 25 2.67 9.35 -27.10
C ARG C 25 1.52 8.36 -26.86
N PHE C 26 1.56 7.61 -25.75
CA PHE C 26 0.72 6.41 -25.51
C PHE C 26 -0.25 6.65 -24.34
N GLN C 27 -1.18 7.58 -24.54
CA GLN C 27 -2.10 8.06 -23.49
C GLN C 27 -3.47 7.39 -23.58
N SER C 28 -4.25 7.56 -22.51
CA SER C 28 -5.65 7.07 -22.32
C SER C 28 -6.50 8.27 -21.94
N PRO C 29 -7.83 8.24 -22.15
CA PRO C 29 -8.52 7.14 -22.80
C PRO C 29 -8.39 7.23 -24.32
N VAL C 30 -8.97 6.26 -25.02
CA VAL C 30 -8.96 6.14 -26.51
C VAL C 30 -10.36 5.83 -27.01
N ASP C 31 -10.55 6.00 -28.32
CA ASP C 31 -11.74 5.57 -29.07
C ASP C 31 -11.49 4.12 -29.48
N ILE C 32 -12.33 3.22 -29.01
CA ILE C 32 -12.27 1.78 -29.39
C ILE C 32 -13.05 1.60 -30.69
N ARG C 33 -12.36 1.24 -31.78
CA ARG C 33 -12.96 0.90 -33.10
C ARG C 33 -12.92 -0.62 -33.19
N PRO C 34 -13.99 -1.35 -32.80
CA PRO C 34 -13.93 -2.82 -32.77
C PRO C 34 -13.55 -3.41 -34.14
N GLN C 35 -13.91 -2.74 -35.25
CA GLN C 35 -13.54 -3.15 -36.63
C GLN C 35 -12.03 -3.41 -36.68
N LEU C 36 -11.22 -2.51 -36.10
CA LEU C 36 -9.72 -2.49 -36.22
C LEU C 36 -9.04 -3.26 -35.07
N ALA C 37 -9.80 -3.89 -34.15
CA ALA C 37 -9.21 -4.60 -32.99
C ALA C 37 -8.62 -5.91 -33.46
N ALA C 38 -7.52 -6.36 -32.86
CA ALA C 38 -6.89 -7.63 -33.20
C ALA C 38 -7.46 -8.71 -32.27
N PHE C 39 -8.28 -9.61 -32.81
CA PHE C 39 -8.69 -10.86 -32.11
C PHE C 39 -7.43 -11.59 -31.65
N SER C 40 -7.33 -11.89 -30.35
CA SER C 40 -6.13 -12.50 -29.72
C SER C 40 -6.58 -13.64 -28.79
N PRO C 41 -6.68 -14.88 -29.30
CA PRO C 41 -7.14 -16.02 -28.51
C PRO C 41 -6.35 -16.32 -27.23
N ALA C 42 -5.20 -15.68 -27.03
CA ALA C 42 -4.43 -15.80 -25.77
C ALA C 42 -5.21 -15.18 -24.61
N LEU C 43 -6.05 -14.18 -24.88
CA LEU C 43 -6.77 -13.44 -23.82
C LEU C 43 -7.86 -14.32 -23.21
N ARG C 44 -7.59 -14.89 -22.04
CA ARG C 44 -8.54 -15.77 -21.28
C ARG C 44 -9.48 -14.89 -20.46
N PRO C 45 -10.60 -15.48 -19.96
CA PRO C 45 -11.48 -14.78 -19.04
C PRO C 45 -10.75 -14.28 -17.78
N LEU C 46 -11.04 -13.05 -17.39
CA LEU C 46 -10.50 -12.40 -16.16
C LEU C 46 -10.95 -13.20 -14.96
N GLU C 47 -10.14 -13.24 -13.92
CA GLU C 47 -10.49 -13.94 -12.65
C GLU C 47 -10.28 -12.96 -11.49
N LEU C 48 -11.27 -12.89 -10.62
CA LEU C 48 -11.30 -12.05 -9.40
C LEU C 48 -11.39 -12.96 -8.16
N LEU C 49 -10.59 -12.72 -7.14
CA LEU C 49 -10.74 -13.33 -5.79
C LEU C 49 -10.95 -12.20 -4.79
N GLY C 50 -11.86 -12.41 -3.83
CA GLY C 50 -11.95 -11.58 -2.62
C GLY C 50 -12.80 -10.35 -2.85
N PHE C 51 -13.56 -10.29 -3.95
CA PHE C 51 -14.35 -9.08 -4.31
C PHE C 51 -15.69 -9.05 -3.56
N GLN C 52 -16.12 -10.19 -3.00
CA GLN C 52 -17.39 -10.24 -2.24
C GLN C 52 -17.08 -9.89 -0.79
N LEU C 53 -17.16 -8.61 -0.46
CA LEU C 53 -16.75 -8.09 0.86
C LEU C 53 -17.91 -8.22 1.84
N PRO C 54 -17.61 -8.57 3.11
CA PRO C 54 -18.57 -8.43 4.20
C PRO C 54 -18.85 -6.96 4.49
N PRO C 55 -19.93 -6.63 5.23
CA PRO C 55 -20.22 -5.25 5.67
C PRO C 55 -19.13 -4.50 6.45
N LEU C 56 -18.42 -5.19 7.34
CA LEU C 56 -17.30 -4.62 8.13
C LEU C 56 -16.06 -5.40 7.75
N PRO C 57 -14.91 -4.72 7.66
CA PRO C 57 -14.85 -3.29 7.97
C PRO C 57 -15.46 -2.41 6.86
N GLU C 58 -15.88 -1.20 7.23
CA GLU C 58 -16.37 -0.19 6.25
C GLU C 58 -15.23 0.34 5.37
N LEU C 59 -15.61 0.91 4.23
CA LEU C 59 -14.72 1.46 3.16
C LEU C 59 -14.88 2.98 3.12
N ARG C 60 -13.82 3.70 2.79
CA ARG C 60 -13.88 5.17 2.67
C ARG C 60 -14.36 5.53 1.26
N LEU C 61 -15.49 6.25 1.19
CA LEU C 61 -16.04 6.86 -0.05
C LEU C 61 -15.80 8.36 -0.01
N ARG C 62 -15.10 8.87 -1.03
CA ARG C 62 -14.57 10.25 -1.00
C ARG C 62 -14.95 11.03 -2.28
N ASN C 63 -15.40 12.25 -2.06
CA ASN C 63 -15.43 13.35 -3.07
C ASN C 63 -14.06 14.04 -3.03
N ASN C 64 -13.14 13.63 -3.90
CA ASN C 64 -11.76 14.20 -4.03
C ASN C 64 -11.80 15.43 -4.92
N GLY C 65 -13.00 15.87 -5.35
CA GLY C 65 -13.22 17.10 -6.14
C GLY C 65 -13.14 16.88 -7.65
N HIS C 66 -12.73 15.68 -8.10
CA HIS C 66 -12.54 15.31 -9.53
C HIS C 66 -13.36 14.05 -9.85
N SER C 67 -13.53 13.16 -8.86
CA SER C 67 -14.41 11.97 -8.94
C SER C 67 -14.98 11.63 -7.54
N VAL C 68 -15.83 10.61 -7.47
CA VAL C 68 -16.11 9.90 -6.19
C VAL C 68 -15.27 8.63 -6.23
N GLN C 69 -14.44 8.40 -5.21
CA GLN C 69 -13.63 7.14 -5.15
C GLN C 69 -13.93 6.33 -3.90
N LEU C 70 -13.89 5.01 -4.08
CA LEU C 70 -14.04 4.00 -3.01
C LEU C 70 -12.68 3.36 -2.85
N THR C 71 -12.06 3.55 -1.69
CA THR C 71 -10.81 2.87 -1.30
C THR C 71 -11.11 1.41 -0.97
N LEU C 72 -10.44 0.50 -1.66
CA LEU C 72 -10.67 -0.95 -1.49
C LEU C 72 -9.66 -1.52 -0.50
N PRO C 73 -10.07 -2.52 0.31
CA PRO C 73 -9.19 -3.09 1.33
C PRO C 73 -8.20 -4.07 0.74
N PRO C 74 -7.24 -4.59 1.52
CA PRO C 74 -6.31 -5.58 1.01
C PRO C 74 -7.06 -6.90 0.79
N GLY C 75 -6.47 -7.79 -0.25
CA GLY C 75 -7.05 -9.13 -0.42
C GLY C 75 -7.92 -9.26 -1.64
N LEU C 76 -8.01 -8.23 -2.50
CA LEU C 76 -8.80 -8.26 -3.76
C LEU C 76 -7.81 -8.53 -4.90
N GLU C 77 -7.76 -9.77 -5.34
CA GLU C 77 -6.76 -10.27 -6.32
C GLU C 77 -7.43 -10.37 -7.68
N MET C 78 -6.71 -9.99 -8.72
CA MET C 78 -7.21 -10.04 -10.11
C MET C 78 -6.08 -10.52 -11.01
N ALA C 79 -6.38 -11.50 -11.85
CA ALA C 79 -5.44 -12.04 -12.85
C ALA C 79 -5.96 -11.70 -14.25
N LEU C 80 -5.12 -11.09 -15.09
CA LEU C 80 -5.44 -10.86 -16.53
C LEU C 80 -5.17 -12.14 -17.31
N GLY C 81 -4.41 -13.04 -16.71
CA GLY C 81 -4.07 -14.34 -17.30
C GLY C 81 -3.09 -15.03 -16.39
N PRO C 82 -2.57 -16.39 -16.94
CA PRO C 82 -1.63 -16.99 -16.01
C PRO C 82 -0.38 -16.11 -15.83
N GLY C 83 0.07 -15.94 -14.59
CA GLY C 83 1.25 -15.12 -14.26
C GLY C 83 1.04 -13.62 -14.37
N ARG C 84 -0.19 -13.11 -14.59
CA ARG C 84 -0.45 -11.65 -14.74
C ARG C 84 -1.37 -11.23 -13.59
N GLU C 85 -0.79 -11.05 -12.41
CA GLU C 85 -1.55 -10.99 -11.13
C GLU C 85 -1.48 -9.59 -10.57
N TYR C 86 -2.64 -9.08 -10.18
CA TYR C 86 -2.83 -7.71 -9.64
C TYR C 86 -3.61 -7.73 -8.31
N ARG C 87 -3.53 -6.62 -7.58
CA ARG C 87 -4.23 -6.34 -6.30
C ARG C 87 -5.02 -5.04 -6.48
N ALA C 88 -6.31 -5.03 -6.17
CA ALA C 88 -7.21 -3.87 -6.34
C ALA C 88 -6.85 -2.80 -5.30
N LEU C 89 -6.78 -1.52 -5.69
CA LEU C 89 -6.52 -0.37 -4.79
C LEU C 89 -7.79 0.44 -4.51
N GLN C 90 -8.57 0.72 -5.55
CA GLN C 90 -9.68 1.67 -5.44
C GLN C 90 -10.52 1.56 -6.71
N LEU C 91 -11.74 2.09 -6.65
CA LEU C 91 -12.54 2.29 -7.86
C LEU C 91 -13.04 3.72 -7.82
N HIS C 92 -13.40 4.23 -8.99
CA HIS C 92 -13.92 5.60 -9.17
C HIS C 92 -14.75 5.66 -10.46
N LEU C 93 -15.47 6.75 -10.62
CA LEU C 93 -16.48 6.88 -11.70
C LEU C 93 -16.17 8.14 -12.50
N HIS C 94 -16.47 8.09 -13.79
CA HIS C 94 -16.50 9.28 -14.65
C HIS C 94 -17.91 9.37 -15.24
N TRP C 95 -18.47 10.57 -15.26
CA TRP C 95 -19.87 10.84 -15.69
C TRP C 95 -19.99 12.23 -16.32
N GLY C 96 -21.17 12.51 -16.89
CA GLY C 96 -21.42 13.75 -17.67
C GLY C 96 -22.24 14.78 -16.92
N ALA C 97 -23.44 15.06 -17.46
CA ALA C 97 -24.46 16.03 -16.97
C ALA C 97 -25.82 15.60 -17.53
N ALA C 98 -26.87 16.38 -17.26
CA ALA C 98 -28.23 16.14 -17.77
C ALA C 98 -28.16 15.99 -19.30
N GLY C 99 -28.55 14.82 -19.82
CA GLY C 99 -28.57 14.50 -21.26
C GLY C 99 -27.24 14.78 -21.96
N ARG C 100 -26.13 14.43 -21.32
CA ARG C 100 -24.75 14.57 -21.85
C ARG C 100 -23.90 13.40 -21.35
N PRO C 101 -23.35 12.56 -22.25
CA PRO C 101 -22.61 11.38 -21.81
C PRO C 101 -21.25 11.82 -21.20
N GLY C 102 -20.61 10.95 -20.40
CA GLY C 102 -19.38 11.31 -19.68
C GLY C 102 -18.40 10.16 -19.49
N SER C 103 -18.56 9.07 -20.23
CA SER C 103 -17.55 7.97 -20.28
C SER C 103 -16.22 8.54 -20.79
N GLU C 104 -15.11 7.89 -20.46
CA GLU C 104 -13.76 8.37 -20.88
C GLU C 104 -13.42 7.71 -22.23
N HIS C 105 -13.63 6.40 -22.28
CA HIS C 105 -13.56 5.57 -23.51
C HIS C 105 -14.84 5.81 -24.33
N THR C 106 -14.69 5.84 -25.66
CA THR C 106 -15.79 5.90 -26.65
C THR C 106 -15.68 4.65 -27.51
N VAL C 107 -16.80 4.11 -28.01
CA VAL C 107 -16.83 3.04 -29.05
C VAL C 107 -17.34 3.64 -30.38
N GLU C 108 -16.53 3.55 -31.45
CA GLU C 108 -16.80 4.18 -32.77
C GLU C 108 -17.34 5.59 -32.54
N GLY C 109 -16.68 6.33 -31.65
CA GLY C 109 -16.99 7.74 -31.36
C GLY C 109 -18.17 7.90 -30.42
N HIS C 110 -18.93 6.83 -30.13
CA HIS C 110 -20.09 6.90 -29.20
C HIS C 110 -19.61 7.03 -27.74
N ARG C 111 -20.05 8.09 -27.04
CA ARG C 111 -19.77 8.28 -25.60
C ARG C 111 -20.94 7.71 -24.79
N PHE C 112 -20.66 6.86 -23.81
CA PHE C 112 -21.66 6.27 -22.89
C PHE C 112 -21.90 7.21 -21.71
N PRO C 113 -23.08 7.10 -21.04
CA PRO C 113 -23.44 8.00 -19.95
C PRO C 113 -22.37 8.15 -18.86
N ALA C 114 -21.79 7.02 -18.41
CA ALA C 114 -20.74 7.01 -17.37
C ALA C 114 -19.80 5.80 -17.51
N GLU C 115 -18.71 5.78 -16.72
CA GLU C 115 -17.70 4.70 -16.78
C GLU C 115 -17.19 4.44 -15.35
N ILE C 116 -17.01 3.18 -15.01
CA ILE C 116 -16.38 2.78 -13.72
C ILE C 116 -14.98 2.24 -13.99
N HIS C 117 -14.00 2.71 -13.20
CA HIS C 117 -12.59 2.19 -13.19
C HIS C 117 -12.25 1.49 -11.88
N VAL C 118 -11.75 0.27 -11.95
CA VAL C 118 -11.09 -0.44 -10.82
C VAL C 118 -9.57 -0.50 -11.07
N VAL C 119 -8.83 0.30 -10.30
CA VAL C 119 -7.35 0.46 -10.43
C VAL C 119 -6.67 -0.61 -9.59
N HIS C 120 -5.73 -1.33 -10.19
CA HIS C 120 -5.00 -2.47 -9.57
C HIS C 120 -3.50 -2.26 -9.67
N LEU C 121 -2.75 -2.80 -8.70
CA LEU C 121 -1.27 -2.76 -8.66
C LEU C 121 -0.76 -4.17 -8.96
N SER C 122 0.25 -4.29 -9.79
CA SER C 122 0.90 -5.59 -10.07
C SER C 122 1.49 -6.12 -8.75
N THR C 123 1.34 -7.42 -8.51
CA THR C 123 1.83 -8.13 -7.29
C THR C 123 3.34 -8.23 -7.31
N ALA C 124 4.26 -7.56 -8.60
CA ALA C 124 5.72 -7.42 -8.54
C ALA C 124 6.09 -6.12 -7.84
N PHE C 125 5.13 -5.29 -7.48
CA PHE C 125 5.40 -3.96 -6.88
C PHE C 125 4.68 -3.82 -5.53
N ALA C 126 5.39 -3.24 -4.56
CA ALA C 126 4.89 -2.99 -3.19
C ALA C 126 4.09 -1.69 -3.20
N ARG C 127 4.51 -0.70 -3.99
CA ARG C 127 3.92 0.66 -3.98
C ARG C 127 3.63 1.14 -5.41
N VAL C 128 2.59 1.96 -5.53
CA VAL C 128 2.19 2.68 -6.77
C VAL C 128 3.39 3.45 -7.36
N ASP C 129 4.14 4.19 -6.57
CA ASP C 129 5.21 5.05 -7.13
C ASP C 129 6.32 4.22 -7.78
N GLU C 130 6.57 2.98 -7.36
CA GLU C 130 7.50 2.06 -8.06
C GLU C 130 6.87 1.61 -9.40
N ALA C 131 5.54 1.47 -9.46
CA ALA C 131 4.82 0.91 -10.62
C ALA C 131 4.63 1.94 -11.74
N LEU C 132 4.55 3.23 -11.42
CA LEU C 132 4.16 4.26 -12.40
C LEU C 132 5.18 4.24 -13.53
N GLY C 133 4.72 4.21 -14.78
CA GLY C 133 5.61 4.24 -15.97
C GLY C 133 6.32 2.92 -16.21
N ARG C 134 6.05 1.87 -15.40
CA ARG C 134 6.67 0.53 -15.60
C ARG C 134 5.68 -0.35 -16.38
N PRO C 135 6.18 -1.17 -17.34
CA PRO C 135 5.31 -1.99 -18.17
C PRO C 135 4.45 -2.95 -17.34
N GLY C 136 3.15 -2.80 -17.43
CA GLY C 136 2.16 -3.63 -16.70
C GLY C 136 2.14 -3.36 -15.20
N GLY C 137 2.66 -2.21 -14.76
CA GLY C 137 2.78 -1.91 -13.32
C GLY C 137 1.40 -1.71 -12.70
N LEU C 138 0.51 -1.05 -13.44
CA LEU C 138 -0.91 -0.80 -13.06
C LEU C 138 -1.80 -1.41 -14.14
N ALA C 139 -3.00 -1.82 -13.74
CA ALA C 139 -4.06 -2.36 -14.62
C ALA C 139 -5.38 -1.77 -14.15
N VAL C 140 -6.16 -1.22 -15.06
CA VAL C 140 -7.52 -0.69 -14.75
C VAL C 140 -8.54 -1.58 -15.47
N LEU C 141 -9.58 -2.01 -14.75
CA LEU C 141 -10.79 -2.63 -15.33
C LEU C 141 -11.81 -1.50 -15.50
N ALA C 142 -12.32 -1.36 -16.72
CA ALA C 142 -13.25 -0.28 -17.13
C ALA C 142 -14.51 -0.93 -17.70
N ALA C 143 -15.66 -0.41 -17.32
CA ALA C 143 -16.98 -0.86 -17.81
C ALA C 143 -17.82 0.39 -18.03
N PHE C 144 -18.57 0.38 -19.13
CA PHE C 144 -19.50 1.49 -19.47
C PHE C 144 -20.72 1.32 -18.57
N LEU C 145 -21.31 2.42 -18.15
CA LEU C 145 -22.65 2.40 -17.52
C LEU C 145 -23.66 3.06 -18.48
N GLU C 146 -24.79 2.39 -18.70
CA GLU C 146 -25.90 2.85 -19.60
C GLU C 146 -27.22 2.92 -18.85
N GLU C 147 -28.17 3.67 -19.41
CA GLU C 147 -29.58 3.73 -18.94
C GLU C 147 -30.18 2.32 -19.08
N GLY C 148 -30.84 1.86 -18.02
CA GLY C 148 -31.62 0.60 -18.00
C GLY C 148 -33.00 0.85 -17.41
N PRO C 149 -33.96 -0.08 -17.61
CA PRO C 149 -35.28 0.03 -17.01
C PRO C 149 -35.30 -0.21 -15.48
N GLU C 150 -34.51 -1.18 -14.97
CA GLU C 150 -34.44 -1.48 -13.51
C GLU C 150 -33.47 -0.52 -12.82
N GLU C 151 -33.67 -0.34 -11.51
CA GLU C 151 -32.71 0.26 -10.55
C GLU C 151 -31.61 -0.79 -10.33
N ASN C 152 -30.32 -0.41 -10.42
CA ASN C 152 -29.18 -1.30 -10.06
C ASN C 152 -28.98 -1.24 -8.55
N SER C 153 -29.19 -2.36 -7.85
CA SER C 153 -29.16 -2.41 -6.37
C SER C 153 -27.70 -2.39 -5.87
N ALA C 154 -26.80 -3.11 -6.53
CA ALA C 154 -25.34 -3.02 -6.24
C ALA C 154 -24.95 -1.55 -6.24
N TYR C 155 -25.36 -0.76 -7.23
CA TYR C 155 -24.94 0.67 -7.36
C TYR C 155 -25.69 1.56 -6.36
N GLU C 156 -26.89 1.14 -5.93
CA GLU C 156 -27.78 1.96 -5.04
C GLU C 156 -27.06 2.19 -3.70
N GLN C 157 -26.27 1.20 -3.26
CA GLN C 157 -25.47 1.21 -2.00
C GLN C 157 -24.48 2.37 -1.98
N LEU C 158 -23.87 2.72 -3.11
CA LEU C 158 -22.95 3.89 -3.19
C LEU C 158 -23.74 5.16 -3.54
N LEU C 159 -24.70 5.08 -4.47
CA LEU C 159 -25.36 6.30 -4.99
C LEU C 159 -26.20 6.94 -3.88
N SER C 160 -26.80 6.13 -2.99
CA SER C 160 -27.62 6.58 -1.84
C SER C 160 -26.78 7.35 -0.81
N ARG C 161 -25.45 7.33 -0.94
CA ARG C 161 -24.52 7.97 0.03
C ARG C 161 -23.85 9.22 -0.58
N LEU C 162 -24.07 9.50 -1.86
CA LEU C 162 -23.43 10.69 -2.48
C LEU C 162 -23.86 11.98 -1.78
N GLU C 163 -25.09 12.11 -1.27
CA GLU C 163 -25.60 13.38 -0.63
C GLU C 163 -24.64 13.77 0.50
N GLU C 164 -24.21 12.79 1.30
CA GLU C 164 -23.30 12.99 2.48
C GLU C 164 -21.96 13.58 2.06
N ILE C 165 -21.55 13.39 0.80
CA ILE C 165 -20.18 13.83 0.40
C ILE C 165 -20.29 14.88 -0.73
N ALA C 166 -21.40 15.61 -0.78
CA ALA C 166 -21.66 16.67 -1.77
C ALA C 166 -20.51 17.66 -1.73
N GLU C 167 -20.05 18.04 -0.54
CA GLU C 167 -18.93 19.02 -0.44
C GLU C 167 -17.66 18.38 -1.03
N GLU C 168 -16.94 19.13 -1.86
CA GLU C 168 -15.61 18.71 -2.37
C GLU C 168 -14.66 18.49 -1.19
N GLY C 169 -13.89 17.40 -1.24
CA GLY C 169 -12.89 17.04 -0.20
C GLY C 169 -13.51 16.33 1.01
N SER C 170 -14.81 16.03 0.94
CA SER C 170 -15.58 15.35 2.00
C SER C 170 -15.56 13.82 1.75
N GLU C 171 -15.71 13.05 2.82
CA GLU C 171 -15.69 11.57 2.78
C GLU C 171 -16.65 11.03 3.84
N THR C 172 -17.07 9.79 3.65
CA THR C 172 -17.95 9.04 4.57
C THR C 172 -17.55 7.56 4.54
N GLN C 173 -17.84 6.81 5.61
CA GLN C 173 -17.56 5.35 5.67
C GLN C 173 -18.81 4.64 5.18
N VAL C 174 -18.67 3.62 4.33
CA VAL C 174 -19.84 2.83 3.83
C VAL C 174 -19.54 1.35 4.02
N PRO C 175 -20.58 0.54 4.25
CA PRO C 175 -20.42 -0.91 4.38
C PRO C 175 -19.79 -1.54 3.14
N GLY C 176 -18.99 -2.59 3.35
CA GLY C 176 -18.45 -3.43 2.27
C GLY C 176 -19.59 -4.00 1.46
N LEU C 177 -19.32 -4.36 0.21
CA LEU C 177 -20.33 -4.92 -0.71
C LEU C 177 -19.61 -5.80 -1.72
N ASP C 178 -20.38 -6.50 -2.56
CA ASP C 178 -19.86 -7.27 -3.70
C ASP C 178 -19.34 -6.25 -4.73
N ILE C 179 -18.03 -6.03 -4.75
CA ILE C 179 -17.40 -5.07 -5.69
C ILE C 179 -17.61 -5.59 -7.13
N SER C 180 -17.54 -6.90 -7.32
CA SER C 180 -17.66 -7.54 -8.65
C SER C 180 -19.10 -7.40 -9.20
N ALA C 181 -20.06 -6.99 -8.37
CA ALA C 181 -21.46 -6.77 -8.79
C ALA C 181 -21.62 -5.38 -9.36
N LEU C 182 -20.62 -4.50 -9.21
CA LEU C 182 -20.59 -3.18 -9.88
C LEU C 182 -20.05 -3.33 -11.32
N LEU C 183 -19.68 -4.55 -11.73
CA LEU C 183 -19.06 -4.86 -13.04
C LEU C 183 -19.98 -5.78 -13.86
N PRO C 184 -19.76 -5.89 -15.18
CA PRO C 184 -20.51 -6.85 -15.98
C PRO C 184 -20.30 -8.29 -15.49
N SER C 185 -21.29 -9.14 -15.75
CA SER C 185 -21.29 -10.61 -15.51
C SER C 185 -20.33 -11.32 -16.46
N ASP C 186 -20.14 -10.78 -17.66
CA ASP C 186 -19.31 -11.44 -18.71
C ASP C 186 -17.85 -10.95 -18.61
N PHE C 187 -16.98 -11.80 -18.05
CA PHE C 187 -15.53 -11.53 -17.85
C PHE C 187 -14.70 -12.15 -18.97
N SER C 188 -15.36 -12.62 -20.04
CA SER C 188 -14.72 -13.39 -21.15
C SER C 188 -14.53 -12.49 -22.38
N ARG C 189 -15.36 -11.47 -22.52
CA ARG C 189 -15.39 -10.59 -23.72
C ARG C 189 -14.94 -9.17 -23.34
N TYR C 190 -13.75 -8.80 -23.80
CA TYR C 190 -13.15 -7.48 -23.52
C TYR C 190 -12.15 -7.11 -24.59
N PHE C 191 -11.91 -5.79 -24.66
CA PHE C 191 -10.77 -5.14 -25.34
C PHE C 191 -9.63 -4.96 -24.32
N GLN C 192 -8.38 -4.98 -24.79
CA GLN C 192 -7.19 -4.74 -23.93
C GLN C 192 -6.13 -3.96 -24.72
N TYR C 193 -5.60 -2.88 -24.15
CA TYR C 193 -4.53 -2.09 -24.78
C TYR C 193 -3.68 -1.51 -23.66
N GLU C 194 -2.48 -1.05 -24.02
CA GLU C 194 -1.54 -0.39 -23.11
C GLU C 194 -1.71 1.12 -23.23
N GLY C 195 -1.95 1.81 -22.10
CA GLY C 195 -2.12 3.27 -22.08
C GLY C 195 -1.52 3.94 -20.86
N SER C 196 -2.22 4.95 -20.35
CA SER C 196 -1.75 5.86 -19.31
C SER C 196 -2.85 6.02 -18.27
N LEU C 197 -2.51 6.62 -17.13
CA LEU C 197 -3.52 7.18 -16.22
C LEU C 197 -4.17 8.35 -16.96
N THR C 198 -5.47 8.54 -16.75
CA THR C 198 -6.24 9.62 -17.41
C THR C 198 -6.25 10.87 -16.52
N THR C 199 -5.48 10.88 -15.43
CA THR C 199 -5.27 12.10 -14.61
C THR C 199 -3.77 12.22 -14.37
N PRO C 200 -3.27 13.43 -14.08
CA PRO C 200 -1.87 13.58 -13.68
C PRO C 200 -1.53 12.60 -12.57
N PRO C 201 -0.37 11.92 -12.58
CA PRO C 201 0.71 12.20 -13.53
C PRO C 201 0.63 11.59 -14.95
N CYS C 202 -0.45 10.91 -15.31
CA CYS C 202 -0.63 10.31 -16.67
C CYS C 202 0.51 9.35 -17.02
N ALA C 203 0.98 8.55 -16.06
CA ALA C 203 2.07 7.59 -16.30
C ALA C 203 1.60 6.55 -17.32
N GLN C 204 2.52 6.15 -18.19
CA GLN C 204 2.28 5.11 -19.23
C GLN C 204 2.60 3.74 -18.63
N GLY C 205 2.41 2.65 -19.38
CA GLY C 205 2.63 1.27 -18.93
C GLY C 205 1.40 0.67 -18.27
N VAL C 206 0.25 1.33 -18.37
CA VAL C 206 -1.03 0.89 -17.76
C VAL C 206 -1.76 -0.08 -18.71
N ILE C 207 -2.06 -1.30 -18.28
CA ILE C 207 -2.91 -2.24 -19.05
C ILE C 207 -4.37 -1.86 -18.78
N TRP C 208 -5.07 -1.35 -19.80
CA TRP C 208 -6.52 -1.08 -19.78
C TRP C 208 -7.29 -2.29 -20.33
N THR C 209 -8.20 -2.82 -19.53
CA THR C 209 -9.16 -3.88 -19.93
C THR C 209 -10.55 -3.28 -19.93
N VAL C 210 -11.21 -3.27 -21.09
CA VAL C 210 -12.53 -2.57 -21.27
C VAL C 210 -13.55 -3.62 -21.68
N PHE C 211 -14.53 -3.85 -20.81
CA PHE C 211 -15.55 -4.92 -20.96
C PHE C 211 -16.39 -4.59 -22.19
N GLN C 212 -16.76 -5.60 -22.99
CA GLN C 212 -17.74 -5.40 -24.09
C GLN C 212 -19.13 -5.20 -23.47
N GLN C 213 -19.51 -6.07 -22.54
CA GLN C 213 -20.84 -6.01 -21.87
C GLN C 213 -20.83 -4.74 -21.03
N THR C 214 -21.93 -3.96 -21.04
CA THR C 214 -22.11 -2.75 -20.20
C THR C 214 -22.88 -3.13 -18.93
N VAL C 215 -23.01 -2.18 -18.00
CA VAL C 215 -23.88 -2.38 -16.81
C VAL C 215 -24.98 -1.32 -16.85
N MET C 216 -26.17 -1.73 -16.42
CA MET C 216 -27.42 -0.93 -16.52
C MET C 216 -27.68 -0.23 -15.18
N LEU C 217 -27.83 1.10 -15.23
CA LEU C 217 -28.35 1.94 -14.13
C LEU C 217 -29.67 2.57 -14.61
N SER C 218 -30.60 2.81 -13.67
CA SER C 218 -31.85 3.57 -13.89
C SER C 218 -31.49 5.03 -14.19
N ALA C 219 -32.47 5.81 -14.63
CA ALA C 219 -32.28 7.23 -14.97
C ALA C 219 -32.14 8.05 -13.67
N LYS C 220 -32.95 7.74 -12.64
CA LYS C 220 -32.77 8.35 -11.29
C LYS C 220 -31.29 8.23 -10.90
N GLN C 221 -30.73 7.01 -10.98
CA GLN C 221 -29.36 6.67 -10.55
C GLN C 221 -28.34 7.53 -11.32
N LEU C 222 -28.43 7.56 -12.65
CA LEU C 222 -27.53 8.38 -13.51
C LEU C 222 -27.66 9.85 -13.13
N HIS C 223 -28.86 10.29 -12.74
CA HIS C 223 -29.09 11.71 -12.36
C HIS C 223 -28.46 11.94 -10.96
N THR C 224 -28.64 11.00 -10.04
CA THR C 224 -28.03 11.08 -8.69
C THR C 224 -26.50 11.20 -8.86
N LEU C 225 -25.89 10.36 -9.70
CA LEU C 225 -24.42 10.38 -9.95
C LEU C 225 -23.97 11.73 -10.48
N SER C 226 -24.76 12.34 -11.38
CA SER C 226 -24.32 13.52 -12.18
C SER C 226 -24.69 14.83 -11.47
N ASP C 227 -25.64 14.81 -10.53
CA ASP C 227 -26.30 16.04 -10.03
C ASP C 227 -26.16 16.20 -8.51
N THR C 228 -25.34 15.39 -7.84
CA THR C 228 -25.25 15.43 -6.34
C THR C 228 -23.97 16.13 -5.91
N LEU C 229 -22.83 15.89 -6.56
CA LEU C 229 -21.49 16.27 -6.01
C LEU C 229 -21.06 17.64 -6.54
N TRP C 230 -20.23 18.33 -5.75
CA TRP C 230 -19.66 19.66 -6.05
C TRP C 230 -18.13 19.55 -6.19
N GLY C 231 -17.52 20.49 -6.91
CA GLY C 231 -16.11 20.45 -7.30
C GLY C 231 -15.38 21.68 -6.82
N PRO C 232 -14.21 21.99 -7.42
CA PRO C 232 -13.41 23.14 -7.01
C PRO C 232 -14.24 24.37 -7.38
N GLY C 233 -14.13 25.51 -6.28
CA GLY C 233 -15.08 26.62 -6.50
C GLY C 233 -16.50 26.20 -6.21
N ASP C 234 -17.47 26.88 -6.82
CA ASP C 234 -18.92 26.61 -6.57
C ASP C 234 -19.46 25.61 -7.61
N SER C 235 -18.61 25.14 -8.54
CA SER C 235 -18.99 24.30 -9.72
C SER C 235 -19.56 22.94 -9.29
N ARG C 236 -20.54 22.43 -10.04
CA ARG C 236 -20.99 21.01 -9.99
C ARG C 236 -19.85 20.10 -10.47
N LEU C 237 -19.71 18.93 -9.86
CA LEU C 237 -18.73 17.90 -10.31
C LEU C 237 -19.43 17.11 -11.42
N GLN C 238 -19.08 17.44 -12.67
CA GLN C 238 -19.78 16.97 -13.90
C GLN C 238 -18.78 16.92 -15.06
N LEU C 239 -19.01 16.06 -16.04
CA LEU C 239 -18.14 16.02 -17.26
C LEU C 239 -16.68 15.87 -16.81
N ASN C 240 -16.45 14.90 -15.93
CA ASN C 240 -15.15 14.63 -15.28
C ASN C 240 -14.46 13.50 -16.07
N PHE C 241 -14.32 13.69 -17.37
CA PHE C 241 -13.65 12.76 -18.31
C PHE C 241 -12.60 13.53 -19.12
N ARG C 242 -11.48 12.85 -19.41
CA ARG C 242 -10.41 13.39 -20.28
C ARG C 242 -10.82 13.16 -21.74
N ALA C 243 -10.38 14.04 -22.65
CA ALA C 243 -10.59 13.90 -24.11
C ALA C 243 -9.88 12.64 -24.62
N THR C 244 -10.49 11.91 -25.56
CA THR C 244 -9.89 10.70 -26.18
C THR C 244 -8.54 11.08 -26.78
N GLN C 245 -7.57 10.18 -26.67
CA GLN C 245 -6.19 10.35 -27.15
C GLN C 245 -5.94 9.41 -28.33
N PRO C 246 -5.11 9.83 -29.30
CA PRO C 246 -4.84 8.97 -30.46
C PRO C 246 -4.13 7.69 -30.02
N LEU C 247 -4.47 6.58 -30.66
CA LEU C 247 -3.77 5.30 -30.50
C LEU C 247 -2.29 5.42 -30.90
N ASN C 248 -1.96 6.31 -31.85
CA ASN C 248 -0.57 6.52 -32.34
C ASN C 248 0.12 5.20 -32.69
N GLY C 249 -0.59 4.27 -33.32
CA GLY C 249 -0.03 3.01 -33.87
C GLY C 249 -0.23 1.84 -32.94
N ARG C 250 -0.72 2.09 -31.72
CA ARG C 250 -1.08 1.01 -30.78
C ARG C 250 -2.22 0.21 -31.40
N VAL C 251 -2.20 -1.09 -31.23
CA VAL C 251 -3.30 -2.00 -31.63
C VAL C 251 -4.07 -2.44 -30.38
N ILE C 252 -5.38 -2.27 -30.37
CA ILE C 252 -6.29 -2.78 -29.31
C ILE C 252 -6.54 -4.26 -29.59
N GLU C 253 -6.28 -5.14 -28.61
CA GLU C 253 -6.66 -6.56 -28.70
C GLU C 253 -8.12 -6.71 -28.24
N ALA C 254 -8.78 -7.77 -28.73
CA ALA C 254 -10.14 -8.21 -28.37
C ALA C 254 -10.04 -9.68 -27.97
N SER C 255 -10.73 -10.09 -26.91
CA SER C 255 -10.67 -11.49 -26.39
C SER C 255 -11.63 -12.38 -27.20
N PHE C 256 -12.32 -11.80 -28.17
CA PHE C 256 -13.40 -12.45 -28.96
C PHE C 256 -13.35 -11.99 -30.41
N PRO C 257 -13.70 -12.89 -31.34
CA PRO C 257 -13.67 -12.59 -32.77
C PRO C 257 -14.81 -11.68 -33.22
N TRP D 15 17.70 -27.50 -8.83
CA TRP D 15 17.97 -26.03 -8.86
C TRP D 15 17.22 -25.31 -7.73
N PRO D 16 16.03 -25.81 -7.29
CA PRO D 16 15.30 -25.21 -6.18
C PRO D 16 16.04 -25.06 -4.84
N ARG D 17 17.06 -25.88 -4.56
CA ARG D 17 17.89 -25.79 -3.32
C ARG D 17 19.03 -24.76 -3.51
N VAL D 18 19.27 -24.29 -4.74
CA VAL D 18 20.16 -23.13 -5.04
C VAL D 18 19.29 -21.86 -5.02
N SER D 19 18.21 -21.86 -5.82
CA SER D 19 17.19 -20.79 -5.92
C SER D 19 15.81 -21.42 -5.92
N PRO D 20 15.03 -21.37 -4.82
CA PRO D 20 13.60 -21.73 -4.84
C PRO D 20 12.77 -21.09 -5.97
N ALA D 21 13.24 -19.99 -6.54
CA ALA D 21 12.65 -19.31 -7.73
C ALA D 21 12.56 -20.30 -8.90
N CYS D 22 13.57 -21.18 -9.04
CA CYS D 22 13.62 -22.20 -10.11
C CYS D 22 12.44 -23.17 -10.01
N ALA D 23 11.70 -23.22 -8.89
CA ALA D 23 10.47 -24.03 -8.78
C ALA D 23 9.22 -23.18 -9.01
N GLY D 24 9.32 -21.99 -9.57
CA GLY D 24 8.14 -21.15 -9.91
C GLY D 24 7.20 -21.79 -10.90
N ARG D 25 6.00 -21.23 -11.07
CA ARG D 25 4.93 -21.75 -11.95
C ARG D 25 5.18 -21.44 -13.44
N PHE D 26 6.05 -20.49 -13.79
CA PHE D 26 6.12 -19.90 -15.16
C PHE D 26 7.57 -19.79 -15.58
N GLN D 27 8.20 -20.94 -15.78
CA GLN D 27 9.67 -21.02 -16.00
C GLN D 27 9.94 -21.21 -17.49
N SER D 28 11.20 -21.05 -17.85
CA SER D 28 11.74 -21.14 -19.22
C SER D 28 12.91 -22.09 -19.13
N PRO D 29 13.23 -22.88 -20.19
CA PRO D 29 12.59 -22.77 -21.49
C PRO D 29 11.34 -23.66 -21.57
N VAL D 30 10.68 -23.68 -22.72
CA VAL D 30 9.41 -24.41 -22.95
C VAL D 30 9.43 -25.10 -24.30
N ASP D 31 8.54 -26.08 -24.48
CA ASP D 31 8.30 -26.78 -25.76
C ASP D 31 7.28 -25.97 -26.54
N ILE D 32 7.70 -25.39 -27.66
CA ILE D 32 6.81 -24.64 -28.58
C ILE D 32 6.08 -25.67 -29.45
N ARG D 33 4.77 -25.51 -29.56
CA ARG D 33 3.85 -26.40 -30.32
C ARG D 33 3.04 -25.48 -31.20
N PRO D 34 3.58 -25.17 -32.41
CA PRO D 34 3.04 -24.13 -33.28
C PRO D 34 1.54 -24.26 -33.55
N GLN D 35 1.02 -25.49 -33.44
CA GLN D 35 -0.42 -25.83 -33.62
C GLN D 35 -1.25 -25.21 -32.48
N LEU D 36 -0.69 -25.15 -31.27
CA LEU D 36 -1.35 -24.65 -30.04
C LEU D 36 -0.96 -23.19 -29.76
N ALA D 37 -0.07 -22.61 -30.57
CA ALA D 37 0.25 -21.17 -30.51
C ALA D 37 -0.96 -20.36 -30.96
N ALA D 38 -1.23 -19.25 -30.28
CA ALA D 38 -2.30 -18.28 -30.59
C ALA D 38 -1.73 -17.19 -31.51
N PHE D 39 -2.24 -17.09 -32.73
CA PHE D 39 -1.89 -15.99 -33.67
C PHE D 39 -2.41 -14.69 -33.07
N SER D 40 -1.52 -13.72 -32.89
CA SER D 40 -1.87 -12.41 -32.29
C SER D 40 -1.43 -11.33 -33.26
N PRO D 41 -2.34 -10.85 -34.13
CA PRO D 41 -2.00 -9.85 -35.15
C PRO D 41 -1.34 -8.56 -34.62
N ALA D 42 -1.47 -8.32 -33.31
CA ALA D 42 -0.94 -7.12 -32.62
C ALA D 42 0.60 -7.19 -32.59
N LEU D 43 1.17 -8.38 -32.67
CA LEU D 43 2.65 -8.58 -32.62
C LEU D 43 3.29 -8.01 -33.89
N ARG D 44 4.01 -6.89 -33.80
CA ARG D 44 4.57 -6.17 -34.96
C ARG D 44 6.00 -6.64 -35.18
N PRO D 45 6.67 -6.29 -36.30
CA PRO D 45 8.07 -6.67 -36.47
C PRO D 45 8.95 -6.05 -35.38
N LEU D 46 9.87 -6.84 -34.83
CA LEU D 46 10.94 -6.36 -33.93
C LEU D 46 11.70 -5.19 -34.57
N GLU D 47 12.02 -4.15 -33.80
CA GLU D 47 12.88 -3.03 -34.26
C GLU D 47 14.21 -3.14 -33.51
N LEU D 48 15.35 -3.25 -34.20
CA LEU D 48 16.70 -3.30 -33.58
C LEU D 48 17.58 -2.22 -34.21
N LEU D 49 17.82 -1.11 -33.50
CA LEU D 49 18.73 -0.02 -33.91
C LEU D 49 20.02 -0.03 -33.08
N GLY D 50 21.11 0.39 -33.71
CA GLY D 50 22.46 0.51 -33.10
C GLY D 50 23.23 -0.79 -33.00
N PHE D 51 22.77 -1.87 -33.63
CA PHE D 51 23.38 -3.23 -33.51
C PHE D 51 24.60 -3.36 -34.44
N GLN D 52 24.81 -2.39 -35.33
CA GLN D 52 25.90 -2.46 -36.35
C GLN D 52 27.11 -1.76 -35.74
N LEU D 53 27.86 -2.47 -34.88
CA LEU D 53 28.94 -1.87 -34.08
C LEU D 53 30.18 -1.66 -34.96
N PRO D 54 30.90 -0.53 -34.78
CA PRO D 54 32.17 -0.33 -35.46
C PRO D 54 33.22 -1.26 -34.85
N PRO D 55 34.42 -1.40 -35.45
CA PRO D 55 35.42 -2.34 -34.92
C PRO D 55 36.02 -1.92 -33.56
N LEU D 56 35.95 -0.63 -33.20
CA LEU D 56 36.42 -0.10 -31.88
C LEU D 56 35.35 0.81 -31.29
N PRO D 57 35.07 0.77 -29.97
CA PRO D 57 35.84 -0.06 -29.03
C PRO D 57 35.65 -1.58 -29.20
N GLU D 58 36.56 -2.36 -28.65
CA GLU D 58 36.51 -3.84 -28.66
C GLU D 58 35.51 -4.31 -27.59
N LEU D 59 35.06 -5.56 -27.67
CA LEU D 59 34.06 -6.13 -26.74
C LEU D 59 34.66 -7.29 -25.94
N ARG D 60 34.30 -7.37 -24.65
CA ARG D 60 34.72 -8.44 -23.73
C ARG D 60 33.97 -9.72 -24.12
N LEU D 61 34.70 -10.74 -24.55
CA LEU D 61 34.15 -12.12 -24.73
C LEU D 61 34.72 -13.00 -23.62
N ARG D 62 33.86 -13.75 -22.93
CA ARG D 62 34.20 -14.32 -21.61
C ARG D 62 33.66 -15.74 -21.51
N ASN D 63 34.53 -16.70 -21.18
CA ASN D 63 34.15 -18.03 -20.66
C ASN D 63 33.87 -17.88 -19.16
N ASN D 64 32.64 -18.14 -18.72
CA ASN D 64 32.24 -17.99 -17.29
C ASN D 64 31.88 -19.37 -16.70
N GLY D 65 32.11 -20.44 -17.46
CA GLY D 65 31.99 -21.83 -16.98
C GLY D 65 30.63 -22.44 -17.28
N HIS D 66 29.60 -21.63 -17.54
CA HIS D 66 28.25 -22.14 -17.88
C HIS D 66 27.88 -21.78 -19.35
N SER D 67 28.58 -20.80 -19.94
CA SER D 67 28.45 -20.40 -21.37
C SER D 67 29.62 -19.50 -21.77
N VAL D 68 29.64 -19.08 -23.05
CA VAL D 68 30.46 -17.94 -23.54
C VAL D 68 29.52 -16.74 -23.74
N GLN D 69 30.02 -15.59 -23.33
CA GLN D 69 29.20 -14.39 -23.03
C GLN D 69 29.90 -13.22 -23.68
N LEU D 70 29.18 -12.50 -24.55
CA LEU D 70 29.68 -11.24 -25.14
C LEU D 70 28.98 -10.08 -24.44
N THR D 71 29.74 -9.17 -23.84
CA THR D 71 29.19 -7.93 -23.23
C THR D 71 28.93 -6.93 -24.36
N LEU D 72 27.71 -6.40 -24.43
CA LEU D 72 27.37 -5.41 -25.48
C LEU D 72 27.48 -4.02 -24.87
N PRO D 73 27.86 -3.02 -25.70
CA PRO D 73 27.97 -1.64 -25.25
C PRO D 73 26.63 -0.93 -25.18
N PRO D 74 26.60 0.31 -24.66
CA PRO D 74 25.36 1.06 -24.68
C PRO D 74 25.06 1.42 -26.14
N GLY D 75 23.52 1.59 -26.38
CA GLY D 75 23.14 2.09 -27.71
C GLY D 75 22.48 1.04 -28.57
N LEU D 76 22.43 -0.21 -28.13
CA LEU D 76 21.63 -1.25 -28.83
C LEU D 76 20.21 -1.14 -28.30
N GLU D 77 19.33 -0.52 -29.08
CA GLU D 77 17.91 -0.27 -28.72
C GLU D 77 17.03 -1.26 -29.50
N MET D 78 16.07 -1.84 -28.79
CA MET D 78 15.14 -2.84 -29.36
C MET D 78 13.72 -2.54 -28.86
N ALA D 79 12.71 -2.77 -29.70
CA ALA D 79 11.29 -2.53 -29.35
C ALA D 79 10.48 -3.79 -29.68
N LEU D 80 9.70 -4.27 -28.71
CA LEU D 80 8.77 -5.43 -28.88
C LEU D 80 7.45 -4.89 -29.47
N GLY D 81 7.24 -3.59 -29.34
CA GLY D 81 6.00 -2.92 -29.75
C GLY D 81 6.05 -1.45 -29.36
N PRO D 82 4.62 -0.58 -29.58
CA PRO D 82 5.00 0.83 -29.38
C PRO D 82 5.18 1.24 -27.92
N GLY D 83 6.31 1.92 -27.66
CA GLY D 83 6.69 2.38 -26.32
C GLY D 83 7.15 1.23 -25.44
N ARG D 84 7.41 0.07 -26.02
CA ARG D 84 7.85 -1.13 -25.27
C ARG D 84 9.30 -1.40 -25.67
N GLU D 85 10.19 -0.55 -25.15
CA GLU D 85 11.58 -0.39 -25.59
C GLU D 85 12.53 -0.98 -24.56
N TYR D 86 13.74 -1.27 -25.03
CA TYR D 86 14.74 -2.15 -24.41
C TYR D 86 16.15 -1.75 -24.89
N ARG D 87 17.16 -2.07 -24.11
CA ARG D 87 18.58 -1.84 -24.46
C ARG D 87 19.28 -3.19 -24.28
N ALA D 88 20.11 -3.58 -25.23
CA ALA D 88 20.80 -4.89 -25.19
C ALA D 88 21.94 -4.83 -24.17
N LEU D 89 22.13 -5.90 -23.39
CA LEU D 89 23.16 -5.97 -22.33
C LEU D 89 24.33 -6.86 -22.75
N GLN D 90 24.01 -8.05 -23.24
CA GLN D 90 24.98 -9.13 -23.49
C GLN D 90 24.29 -10.15 -24.38
N LEU D 91 25.06 -11.06 -24.94
CA LEU D 91 24.49 -12.30 -25.51
C LEU D 91 25.37 -13.49 -25.13
N HIS D 92 24.83 -14.69 -25.27
CA HIS D 92 25.49 -15.95 -24.86
C HIS D 92 24.81 -17.09 -25.61
N LEU D 93 25.39 -18.29 -25.52
CA LEU D 93 24.94 -19.45 -26.31
C LEU D 93 24.71 -20.67 -25.42
N HIS D 94 23.85 -21.58 -25.90
CA HIS D 94 23.53 -22.90 -25.31
C HIS D 94 23.71 -23.93 -26.42
N TRP D 95 24.36 -25.04 -26.12
CA TRP D 95 24.79 -26.03 -27.14
C TRP D 95 24.98 -27.42 -26.54
N GLY D 96 25.12 -28.42 -27.40
CA GLY D 96 25.14 -29.84 -26.99
C GLY D 96 26.56 -30.36 -26.88
N ALA D 97 26.82 -31.50 -27.51
CA ALA D 97 28.16 -32.11 -27.60
C ALA D 97 28.21 -32.97 -28.86
N ALA D 98 29.28 -33.75 -28.99
CA ALA D 98 29.50 -34.68 -30.12
C ALA D 98 28.19 -35.35 -30.50
N GLY D 99 27.57 -34.90 -31.60
CA GLY D 99 26.37 -35.52 -32.20
C GLY D 99 25.16 -35.47 -31.29
N ARG D 100 25.09 -34.51 -30.36
CA ARG D 100 23.90 -34.38 -29.48
C ARG D 100 23.49 -32.92 -29.43
N PRO D 101 22.24 -32.59 -29.78
CA PRO D 101 21.77 -31.20 -29.78
C PRO D 101 21.63 -30.61 -28.36
N GLY D 102 21.66 -29.28 -28.25
CA GLY D 102 21.72 -28.57 -26.95
C GLY D 102 21.01 -27.23 -26.96
N SER D 103 20.00 -27.04 -27.80
CA SER D 103 19.13 -25.83 -27.76
C SER D 103 18.31 -25.90 -26.47
N GLU D 104 17.89 -24.78 -25.89
CA GLU D 104 17.09 -24.77 -24.64
C GLU D 104 15.63 -24.99 -24.98
N HIS D 105 15.07 -24.16 -25.86
CA HIS D 105 13.69 -24.32 -26.39
C HIS D 105 13.69 -25.48 -27.39
N THR D 106 12.50 -26.02 -27.64
CA THR D 106 12.23 -27.18 -28.51
C THR D 106 10.95 -26.85 -29.27
N VAL D 107 10.81 -27.44 -30.46
CA VAL D 107 9.60 -27.30 -31.33
C VAL D 107 9.08 -28.72 -31.53
N GLU D 108 7.84 -28.97 -31.11
CA GLU D 108 7.14 -30.28 -31.15
C GLU D 108 8.14 -31.36 -30.69
N GLY D 109 8.88 -31.09 -29.62
CA GLY D 109 9.85 -32.04 -29.04
C GLY D 109 11.24 -31.99 -29.65
N HIS D 110 11.43 -31.29 -30.78
CA HIS D 110 12.73 -31.25 -31.50
C HIS D 110 13.69 -30.28 -30.79
N ARG D 111 14.84 -30.79 -30.36
CA ARG D 111 15.98 -29.98 -29.89
C ARG D 111 16.93 -29.73 -31.09
N PHE D 112 17.28 -28.46 -31.29
CA PHE D 112 18.20 -27.96 -32.34
C PHE D 112 19.64 -28.03 -31.85
N PRO D 113 20.63 -28.07 -32.75
CA PRO D 113 22.03 -28.16 -32.34
C PRO D 113 22.41 -27.19 -31.22
N ALA D 114 22.01 -25.92 -31.34
CA ALA D 114 22.34 -24.82 -30.39
C ALA D 114 21.30 -23.69 -30.45
N GLU D 115 21.56 -22.57 -29.77
CA GLU D 115 20.57 -21.50 -29.48
C GLU D 115 21.33 -20.27 -29.03
N ILE D 116 21.00 -19.12 -29.59
CA ILE D 116 21.60 -17.81 -29.13
C ILE D 116 20.56 -17.02 -28.35
N HIS D 117 21.00 -16.35 -27.29
CA HIS D 117 20.15 -15.52 -26.41
C HIS D 117 20.75 -14.13 -26.36
N VAL D 118 19.96 -13.12 -26.76
CA VAL D 118 20.33 -11.68 -26.64
C VAL D 118 19.47 -11.08 -25.53
N VAL D 119 20.11 -10.69 -24.42
CA VAL D 119 19.40 -10.31 -23.16
C VAL D 119 19.29 -8.79 -23.11
N HIS D 120 18.05 -8.30 -22.93
CA HIS D 120 17.77 -6.84 -22.89
C HIS D 120 17.13 -6.40 -21.56
N LEU D 121 17.34 -5.12 -21.24
CA LEU D 121 16.72 -4.41 -20.09
C LEU D 121 15.68 -3.42 -20.60
N SER D 122 14.45 -3.49 -20.09
CA SER D 122 13.42 -2.45 -20.33
C SER D 122 13.99 -1.08 -19.95
N THR D 123 13.77 -0.07 -20.77
CA THR D 123 14.32 1.29 -20.58
C THR D 123 13.53 2.01 -19.49
N ALA D 124 12.34 1.24 -18.92
CA ALA D 124 11.59 1.80 -17.78
C ALA D 124 12.36 1.59 -16.47
N PHE D 125 13.43 0.79 -16.51
CA PHE D 125 14.29 0.45 -15.36
C PHE D 125 15.74 0.86 -15.64
N ALA D 126 16.38 1.55 -14.71
CA ALA D 126 17.78 2.00 -14.83
C ALA D 126 18.75 0.81 -14.68
N ARG D 127 18.36 -0.23 -13.93
CA ARG D 127 19.28 -1.34 -13.52
C ARG D 127 18.62 -2.69 -13.70
N VAL D 128 19.42 -3.69 -14.02
CA VAL D 128 18.94 -5.10 -14.14
C VAL D 128 18.27 -5.51 -12.82
N ASP D 129 18.80 -5.06 -11.68
CA ASP D 129 18.33 -5.60 -10.37
C ASP D 129 16.94 -5.03 -10.01
N GLU D 130 16.56 -3.87 -10.54
CA GLU D 130 15.17 -3.36 -10.44
C GLU D 130 14.24 -4.18 -11.35
N ALA D 131 14.75 -4.68 -12.46
CA ALA D 131 13.97 -5.36 -13.51
C ALA D 131 13.67 -6.81 -13.14
N LEU D 132 14.59 -7.48 -12.45
CA LEU D 132 14.46 -8.92 -12.05
C LEU D 132 13.14 -9.15 -11.31
N GLY D 133 12.32 -10.06 -11.82
CA GLY D 133 11.02 -10.46 -11.24
C GLY D 133 9.89 -9.55 -11.68
N ARG D 134 10.15 -8.39 -12.28
CA ARG D 134 9.01 -7.51 -12.67
C ARG D 134 8.61 -7.84 -14.10
N PRO D 135 7.30 -7.77 -14.42
CA PRO D 135 6.81 -8.17 -15.73
C PRO D 135 7.37 -7.24 -16.82
N GLY D 136 7.98 -7.84 -17.83
CA GLY D 136 8.58 -7.12 -18.97
C GLY D 136 9.88 -6.44 -18.58
N GLY D 137 10.41 -6.68 -17.39
CA GLY D 137 11.64 -5.97 -16.98
C GLY D 137 12.81 -6.34 -17.89
N LEU D 138 12.87 -7.61 -18.24
CA LEU D 138 13.89 -8.20 -19.14
C LEU D 138 13.16 -8.85 -20.30
N ALA D 139 13.84 -8.88 -21.43
CA ALA D 139 13.37 -9.45 -22.70
C ALA D 139 14.58 -10.11 -23.36
N VAL D 140 14.38 -11.36 -23.78
CA VAL D 140 15.42 -12.18 -24.44
C VAL D 140 14.94 -12.46 -25.86
N LEU D 141 15.79 -12.20 -26.85
CA LEU D 141 15.57 -12.63 -28.25
C LEU D 141 16.33 -13.93 -28.40
N ALA D 142 15.63 -14.98 -28.81
CA ALA D 142 16.25 -16.32 -28.96
C ALA D 142 16.10 -16.79 -30.41
N ALA D 143 17.19 -17.28 -30.98
CA ALA D 143 17.20 -17.95 -32.32
C ALA D 143 17.85 -19.33 -32.21
N PHE D 144 17.30 -20.34 -32.89
CA PHE D 144 17.94 -21.68 -33.01
C PHE D 144 19.07 -21.59 -34.03
N LEU D 145 20.20 -22.24 -33.71
CA LEU D 145 21.32 -22.49 -34.66
C LEU D 145 21.16 -23.94 -35.14
N GLU D 146 21.03 -24.17 -36.45
CA GLU D 146 21.11 -25.54 -37.06
C GLU D 146 22.24 -25.61 -38.09
N GLU D 147 22.53 -26.82 -38.57
CA GLU D 147 23.64 -27.06 -39.52
C GLU D 147 23.20 -26.68 -40.94
N GLY D 148 24.09 -26.00 -41.67
CA GLY D 148 23.97 -25.79 -43.11
C GLY D 148 25.29 -26.02 -43.82
N PRO D 149 25.30 -25.96 -45.17
CA PRO D 149 26.50 -26.24 -45.95
C PRO D 149 27.67 -25.26 -45.77
N GLU D 150 27.40 -23.95 -45.62
CA GLU D 150 28.47 -22.90 -45.65
C GLU D 150 28.86 -22.51 -44.23
N GLU D 151 30.09 -22.01 -44.10
CA GLU D 151 30.60 -21.31 -42.91
C GLU D 151 29.81 -20.00 -42.74
N ASN D 152 29.34 -19.72 -41.53
CA ASN D 152 28.62 -18.47 -41.18
C ASN D 152 29.68 -17.44 -40.74
N SER D 153 29.83 -16.36 -41.50
CA SER D 153 30.97 -15.43 -41.25
C SER D 153 30.69 -14.60 -39.99
N ALA D 154 29.43 -14.39 -39.60
CA ALA D 154 29.11 -13.58 -38.41
C ALA D 154 29.48 -14.40 -37.16
N TYR D 155 29.14 -15.69 -37.14
CA TYR D 155 29.48 -16.58 -36.00
C TYR D 155 30.99 -16.81 -35.96
N GLU D 156 31.61 -16.95 -37.13
CA GLU D 156 33.07 -17.22 -37.23
C GLU D 156 33.86 -16.19 -36.40
N GLN D 157 33.41 -14.95 -36.33
CA GLN D 157 34.13 -13.87 -35.60
C GLN D 157 34.23 -14.20 -34.10
N LEU D 158 33.27 -14.98 -33.58
CA LEU D 158 33.24 -15.41 -32.17
C LEU D 158 33.87 -16.80 -32.04
N LEU D 159 33.45 -17.73 -32.89
CA LEU D 159 33.88 -19.14 -32.85
C LEU D 159 35.40 -19.25 -33.03
N SER D 160 36.01 -18.36 -33.82
CA SER D 160 37.47 -18.34 -34.06
C SER D 160 38.22 -17.87 -32.80
N ARG D 161 37.52 -17.53 -31.72
CA ARG D 161 38.19 -16.93 -30.54
C ARG D 161 37.94 -17.79 -29.30
N LEU D 162 37.22 -18.90 -29.43
CA LEU D 162 36.90 -19.76 -28.27
C LEU D 162 38.22 -20.33 -27.71
N GLU D 163 39.16 -20.63 -28.62
CA GLU D 163 40.44 -21.33 -28.32
C GLU D 163 41.29 -20.50 -27.35
N GLU D 164 41.08 -19.18 -27.27
CA GLU D 164 41.89 -18.28 -26.40
C GLU D 164 41.28 -18.19 -25.00
N ILE D 165 40.08 -18.75 -24.81
CA ILE D 165 39.32 -18.65 -23.53
C ILE D 165 38.75 -20.03 -23.20
N ALA D 166 39.44 -21.12 -23.59
CA ALA D 166 38.97 -22.50 -23.33
C ALA D 166 38.85 -22.73 -21.82
N GLU D 167 39.74 -22.08 -21.06
CA GLU D 167 39.83 -22.21 -19.59
C GLU D 167 38.69 -21.42 -18.93
N GLU D 168 37.91 -22.09 -18.08
CA GLU D 168 36.86 -21.47 -17.22
C GLU D 168 37.39 -20.15 -16.63
N GLY D 169 36.58 -19.09 -16.69
CA GLY D 169 36.87 -17.78 -16.08
C GLY D 169 37.83 -16.96 -16.90
N SER D 170 38.22 -17.49 -18.07
CA SER D 170 39.12 -16.82 -19.05
C SER D 170 38.29 -15.86 -19.92
N GLU D 171 38.88 -14.76 -20.39
CA GLU D 171 38.21 -13.78 -21.27
C GLU D 171 39.23 -13.11 -22.22
N THR D 172 38.75 -12.61 -23.37
CA THR D 172 39.56 -11.83 -24.34
C THR D 172 38.73 -10.65 -24.87
N GLN D 173 39.39 -9.70 -25.53
CA GLN D 173 38.77 -8.60 -26.30
C GLN D 173 38.48 -9.11 -27.71
N VAL D 174 37.38 -8.67 -28.34
CA VAL D 174 37.12 -8.93 -29.79
C VAL D 174 36.73 -7.63 -30.47
N PRO D 175 37.03 -7.48 -31.79
CA PRO D 175 36.58 -6.33 -32.57
C PRO D 175 35.05 -6.17 -32.53
N GLY D 176 34.55 -4.94 -32.44
CA GLY D 176 33.13 -4.65 -32.70
C GLY D 176 32.66 -5.42 -33.91
N LEU D 177 31.46 -6.00 -33.84
CA LEU D 177 30.83 -6.72 -34.97
C LEU D 177 29.34 -6.34 -35.08
N ASP D 178 28.70 -6.73 -36.17
CA ASP D 178 27.26 -6.49 -36.38
C ASP D 178 26.51 -7.59 -35.64
N ILE D 179 26.01 -7.27 -34.45
CA ILE D 179 25.26 -8.21 -33.57
C ILE D 179 24.01 -8.68 -34.34
N SER D 180 23.35 -7.79 -35.08
CA SER D 180 22.10 -8.14 -35.82
C SER D 180 22.37 -9.19 -36.90
N ALA D 181 23.60 -9.31 -37.42
CA ALA D 181 23.96 -10.33 -38.44
C ALA D 181 23.98 -11.74 -37.82
N LEU D 182 23.94 -11.86 -36.48
CA LEU D 182 23.86 -13.18 -35.79
C LEU D 182 22.42 -13.67 -35.73
N LEU D 183 21.45 -12.85 -36.12
CA LEU D 183 20.01 -13.16 -35.96
C LEU D 183 19.38 -13.59 -37.29
N PRO D 184 18.20 -14.28 -37.27
CA PRO D 184 17.54 -14.75 -38.48
C PRO D 184 17.06 -13.62 -39.41
N SER D 185 16.64 -14.03 -40.60
CA SER D 185 16.34 -13.12 -41.73
C SER D 185 15.07 -12.30 -41.41
N ASP D 186 14.01 -12.93 -40.93
CA ASP D 186 12.67 -12.30 -40.88
C ASP D 186 12.32 -11.91 -39.43
N PHE D 187 12.35 -10.62 -39.13
CA PHE D 187 12.07 -10.03 -37.80
C PHE D 187 10.55 -9.89 -37.55
N SER D 188 9.72 -10.28 -38.52
CA SER D 188 8.24 -10.18 -38.40
C SER D 188 7.65 -11.50 -37.90
N ARG D 189 8.46 -12.57 -37.80
CA ARG D 189 8.00 -13.96 -37.57
C ARG D 189 8.65 -14.54 -36.33
N TYR D 190 7.86 -14.70 -35.27
CA TYR D 190 8.34 -15.09 -33.91
C TYR D 190 7.18 -15.62 -33.08
N PHE D 191 7.56 -16.53 -32.18
CA PHE D 191 6.79 -16.93 -30.97
C PHE D 191 7.20 -16.02 -29.80
N GLN D 192 6.25 -15.72 -28.92
CA GLN D 192 6.49 -14.90 -27.70
C GLN D 192 5.65 -15.45 -26.54
N TYR D 193 6.24 -15.52 -25.34
CA TYR D 193 5.55 -15.87 -24.07
C TYR D 193 6.29 -15.22 -22.89
N GLU D 194 5.70 -15.25 -21.71
CA GLU D 194 6.33 -14.69 -20.50
C GLU D 194 6.82 -15.87 -19.67
N GLY D 195 8.08 -15.83 -19.24
CA GLY D 195 8.73 -16.92 -18.50
C GLY D 195 9.79 -16.40 -17.55
N SER D 196 10.95 -17.06 -17.53
CA SER D 196 12.03 -16.86 -16.53
C SER D 196 13.40 -16.83 -17.21
N LEU D 197 14.42 -16.45 -16.46
CA LEU D 197 15.82 -16.87 -16.70
C LEU D 197 15.92 -18.41 -16.69
N THR D 198 16.79 -18.98 -17.53
CA THR D 198 16.96 -20.43 -17.68
C THR D 198 18.13 -20.91 -16.83
N THR D 199 18.82 -20.00 -16.15
CA THR D 199 19.78 -20.32 -15.07
C THR D 199 19.31 -19.66 -13.78
N PRO D 200 19.82 -20.11 -12.61
CA PRO D 200 19.61 -19.37 -11.37
C PRO D 200 20.04 -17.94 -11.61
N PRO D 201 19.33 -16.92 -11.08
CA PRO D 201 18.28 -17.13 -10.08
C PRO D 201 16.86 -17.45 -10.56
N CYS D 202 16.65 -17.69 -11.86
CA CYS D 202 15.39 -18.17 -12.45
C CYS D 202 14.26 -17.15 -12.23
N ALA D 203 14.60 -15.86 -12.18
CA ALA D 203 13.63 -14.76 -12.02
C ALA D 203 12.55 -14.88 -13.10
N GLN D 204 11.28 -14.71 -12.73
CA GLN D 204 10.15 -14.65 -13.71
C GLN D 204 9.96 -13.20 -14.19
N GLY D 205 8.96 -12.98 -15.03
CA GLY D 205 8.68 -11.70 -15.72
C GLY D 205 9.48 -11.48 -17.01
N VAL D 206 10.18 -12.51 -17.52
CA VAL D 206 11.05 -12.37 -18.72
C VAL D 206 10.19 -12.58 -19.98
N ILE D 207 10.15 -11.60 -20.88
CA ILE D 207 9.47 -11.78 -22.20
C ILE D 207 10.46 -12.50 -23.12
N TRP D 208 10.11 -13.73 -23.50
CA TRP D 208 10.86 -14.55 -24.49
C TRP D 208 10.26 -14.35 -25.87
N THR D 209 11.10 -13.94 -26.82
CA THR D 209 10.74 -13.86 -28.26
C THR D 209 11.61 -14.90 -28.97
N VAL D 210 10.99 -15.96 -29.48
CA VAL D 210 11.73 -17.03 -30.23
C VAL D 210 11.42 -16.89 -31.73
N PHE D 211 12.45 -16.63 -32.50
CA PHE D 211 12.34 -16.45 -33.98
C PHE D 211 11.84 -17.77 -34.59
N GLN D 212 10.88 -17.68 -35.51
CA GLN D 212 10.43 -18.83 -36.34
C GLN D 212 11.62 -19.39 -37.15
N GLN D 213 12.41 -18.52 -37.78
CA GLN D 213 13.51 -18.94 -38.67
C GLN D 213 14.76 -19.18 -37.84
N THR D 214 15.63 -20.04 -38.35
CA THR D 214 16.90 -20.47 -37.73
C THR D 214 18.06 -19.72 -38.41
N VAL D 215 19.27 -19.86 -37.87
CA VAL D 215 20.51 -19.51 -38.61
C VAL D 215 21.29 -20.81 -38.79
N MET D 216 22.13 -20.84 -39.81
CA MET D 216 22.91 -22.02 -40.21
C MET D 216 24.39 -21.77 -39.94
N LEU D 217 25.01 -22.75 -39.27
CA LEU D 217 26.48 -22.85 -39.07
C LEU D 217 26.97 -24.15 -39.77
N SER D 218 28.23 -24.18 -40.20
CA SER D 218 28.88 -25.41 -40.73
C SER D 218 28.95 -26.43 -39.59
N ALA D 219 29.09 -27.71 -39.89
CA ALA D 219 29.31 -28.77 -38.89
C ALA D 219 30.62 -28.47 -38.14
N LYS D 220 31.64 -27.98 -38.86
CA LYS D 220 32.94 -27.60 -38.27
C LYS D 220 32.69 -26.56 -37.17
N GLN D 221 31.69 -25.69 -37.38
CA GLN D 221 31.44 -24.49 -36.54
C GLN D 221 30.74 -24.91 -35.25
N LEU D 222 29.67 -25.68 -35.38
CA LEU D 222 28.97 -26.31 -34.24
C LEU D 222 29.97 -27.15 -33.44
N HIS D 223 30.81 -27.93 -34.13
CA HIS D 223 31.90 -28.70 -33.49
C HIS D 223 32.77 -27.75 -32.65
N THR D 224 33.27 -26.66 -33.24
CA THR D 224 34.17 -25.70 -32.53
C THR D 224 33.47 -25.17 -31.27
N LEU D 225 32.16 -24.92 -31.35
CA LEU D 225 31.32 -24.37 -30.24
C LEU D 225 31.20 -25.42 -29.13
N SER D 226 30.91 -26.68 -29.49
CA SER D 226 30.60 -27.77 -28.53
C SER D 226 31.86 -28.41 -27.95
N ASP D 227 33.05 -28.16 -28.51
CA ASP D 227 34.30 -28.95 -28.23
C ASP D 227 35.46 -28.09 -27.72
N THR D 228 35.42 -26.76 -27.85
CA THR D 228 36.60 -25.89 -27.58
C THR D 228 36.72 -25.53 -26.09
N LEU D 229 35.62 -25.36 -25.35
CA LEU D 229 35.63 -24.70 -24.02
C LEU D 229 35.58 -25.74 -22.90
N TRP D 230 36.29 -25.50 -21.80
CA TRP D 230 36.20 -26.32 -20.55
C TRP D 230 35.43 -25.54 -19.49
N GLY D 231 34.61 -26.24 -18.71
CA GLY D 231 33.72 -25.59 -17.75
C GLY D 231 34.30 -25.55 -16.34
N PRO D 232 33.40 -25.81 -15.36
CA PRO D 232 33.68 -25.76 -13.93
C PRO D 232 34.55 -26.99 -13.66
N GLY D 233 35.84 -26.71 -12.78
CA GLY D 233 36.73 -27.88 -12.61
C GLY D 233 37.47 -28.18 -13.91
N ASP D 234 37.59 -29.46 -14.25
CA ASP D 234 38.36 -29.87 -15.46
C ASP D 234 37.43 -30.49 -16.50
N SER D 235 36.11 -30.29 -16.39
CA SER D 235 35.12 -30.91 -17.33
C SER D 235 35.05 -30.11 -18.63
N ARG D 236 34.42 -30.68 -19.65
CA ARG D 236 34.17 -29.98 -20.94
C ARG D 236 32.87 -29.17 -20.79
N LEU D 237 32.83 -27.94 -21.30
CA LEU D 237 31.59 -27.10 -21.28
C LEU D 237 30.68 -27.55 -22.42
N GLN D 238 29.63 -28.31 -22.09
CA GLN D 238 28.76 -29.06 -23.04
C GLN D 238 27.36 -29.22 -22.45
N LEU D 239 26.35 -29.26 -23.31
CA LEU D 239 24.93 -29.51 -22.90
C LEU D 239 24.59 -28.54 -21.76
N ASN D 240 24.90 -27.24 -21.93
CA ASN D 240 24.61 -26.12 -20.99
C ASN D 240 23.16 -25.63 -21.22
N PHE D 241 22.21 -26.55 -21.36
CA PHE D 241 20.78 -26.22 -21.54
C PHE D 241 19.98 -26.72 -20.32
N ARG D 242 18.96 -25.98 -19.95
CA ARG D 242 17.96 -26.39 -18.94
C ARG D 242 16.89 -27.20 -19.67
N ALA D 243 16.35 -28.22 -18.99
CA ALA D 243 15.20 -29.01 -19.48
C ALA D 243 14.02 -28.09 -19.73
N THR D 244 13.16 -28.52 -20.63
CA THR D 244 11.84 -27.91 -20.95
C THR D 244 10.98 -27.84 -19.66
N GLN D 245 10.04 -26.90 -19.58
CA GLN D 245 9.26 -26.58 -18.35
C GLN D 245 7.79 -26.50 -18.70
N PRO D 246 6.86 -26.88 -17.80
CA PRO D 246 5.44 -26.84 -18.10
C PRO D 246 4.91 -25.40 -18.23
N LEU D 247 4.09 -25.18 -19.25
CA LEU D 247 3.47 -23.87 -19.55
C LEU D 247 2.55 -23.47 -18.39
N ASN D 248 1.99 -24.46 -17.69
CA ASN D 248 1.10 -24.26 -16.51
C ASN D 248 0.06 -23.19 -16.83
N GLY D 249 -0.57 -23.27 -18.01
CA GLY D 249 -1.71 -22.41 -18.40
C GLY D 249 -1.35 -21.36 -19.44
N ARG D 250 -0.05 -21.03 -19.56
CA ARG D 250 0.49 -20.02 -20.51
C ARG D 250 0.21 -20.46 -21.95
N VAL D 251 -0.34 -19.55 -22.76
CA VAL D 251 -0.56 -19.71 -24.21
C VAL D 251 0.60 -19.02 -24.97
N ILE D 252 1.38 -19.78 -25.75
CA ILE D 252 2.45 -19.19 -26.59
C ILE D 252 1.79 -18.46 -27.77
N GLU D 253 2.16 -17.20 -27.98
CA GLU D 253 1.59 -16.34 -29.05
C GLU D 253 2.50 -16.46 -30.28
N ALA D 254 1.95 -16.27 -31.48
CA ALA D 254 2.72 -16.25 -32.74
C ALA D 254 2.38 -14.99 -33.51
N SER D 255 3.39 -14.34 -34.09
CA SER D 255 3.28 -13.10 -34.91
C SER D 255 2.69 -13.38 -36.29
N PHE D 256 2.47 -14.65 -36.64
CA PHE D 256 2.04 -15.08 -38.00
C PHE D 256 1.00 -16.18 -37.89
N PRO D 257 0.09 -16.28 -38.89
CA PRO D 257 -0.95 -17.31 -38.91
C PRO D 257 -0.36 -18.69 -39.27
O3 MKQ E . 11.96 3.03 11.52
C22 MKQ E . 14.79 2.54 5.71
C20 MKQ E . 17.02 3.22 5.07
C21 MKQ E . 15.96 2.28 5.02
C17 MKQ E . 14.69 3.76 6.40
C16 MKQ E . 9.50 3.01 5.73
C13 MKQ E . 7.46 4.62 6.55
C18 MKQ E . 15.74 4.65 6.47
C14 MKQ E . 7.26 3.66 5.54
C15 MKQ E . 8.28 2.85 5.12
C12 MKQ E . 8.70 4.79 7.12
C11 MKQ E . 9.73 3.99 6.71
C9 MKQ E . 11.09 4.05 7.33
C8 MKQ E . 12.23 3.92 6.55
C7 MKQ E . 13.46 3.94 7.16
C6 MKQ E . 13.59 4.03 8.55
C5 MKQ E . 12.43 4.14 9.35
C10 MKQ E . 11.20 4.13 8.73
O4 MKQ E . 11.92 5.37 11.55
S2 MKQ E . 12.54 4.22 10.97
N1 MKQ E . 14.13 4.18 11.35
C19 MKQ E . 16.91 4.41 5.77
ZN ZN F . 15.00 2.30 11.48
O3 MKQ G . -19.96 11.62 21.96
C22 MKQ G . -20.07 15.61 17.28
C20 MKQ G . -18.30 15.76 15.69
C21 MKQ G . -19.23 16.39 16.48
C17 MKQ G . -20.00 14.20 17.31
C16 MKQ G . -25.63 13.49 19.68
C13 MKQ G . -26.52 13.57 17.00
C18 MKQ G . -19.07 13.59 16.50
C14 MKQ G . -27.41 13.77 18.06
C15 MKQ G . -26.98 13.73 19.38
C12 MKQ G . -25.18 13.35 17.30
C11 MKQ G . -24.72 13.31 18.63
C9 MKQ G . -23.26 13.04 18.88
C8 MKQ G . -22.31 13.67 18.07
C7 MKQ G . -20.95 13.43 18.22
C6 MKQ G . -20.53 12.54 19.24
C5 MKQ G . -21.46 11.86 20.06
C10 MKQ G . -22.83 12.13 19.88
O4 MKQ G . -20.37 9.62 20.70
S2 MKQ G . -20.93 10.82 21.25
N1 MKQ G . -22.14 10.30 22.20
C19 MKQ G . -18.24 14.37 15.69
ZN ZN H . -22.57 11.81 23.67
O3 MKQ I . -8.06 5.16 -13.89
C22 MKQ I . -7.25 10.68 -9.13
C20 MKQ I . -9.01 12.29 -8.86
C21 MKQ I . -7.71 11.88 -8.57
C17 MKQ I . -8.08 9.91 -9.97
C16 MKQ I . -3.86 5.53 -9.85
C13 MKQ I . -4.72 4.95 -7.26
C18 MKQ I . -9.38 10.34 -10.26
C14 MKQ I . -3.49 4.52 -7.68
C15 MKQ I . -3.07 4.80 -8.97
C12 MKQ I . -5.52 5.66 -8.13
C11 MKQ I . -5.10 5.97 -9.44
C9 MKQ I . -6.03 6.75 -10.32
C8 MKQ I . -6.62 7.90 -9.81
C7 MKQ I . -7.52 8.65 -10.57
C6 MKQ I . -7.82 8.25 -11.88
C5 MKQ I . -7.23 7.08 -12.44
C10 MKQ I . -6.34 6.34 -11.63
O4 MKQ I . -6.41 6.62 -14.76
S2 MKQ I . -7.59 6.53 -13.95
N1 MKQ I . -8.80 7.46 -14.47
C19 MKQ I . -9.84 11.53 -9.70
ZN ZN J . -10.64 6.80 -14.09
O3 MKQ K . 18.87 -15.77 -21.11
C22 MKQ K . 22.38 -11.58 -18.06
C20 MKQ K . 21.20 -9.68 -17.18
C21 MKQ K . 22.34 -10.21 -17.77
C17 MKQ K . 21.30 -12.44 -17.72
C16 MKQ K . 25.12 -16.05 -18.74
C13 MKQ K . 25.19 -18.78 -18.13
C18 MKQ K . 20.16 -11.87 -17.14
C14 MKQ K . 26.37 -18.10 -18.47
C15 MKQ K . 26.33 -16.74 -18.78
C12 MKQ K . 23.97 -18.09 -18.10
C11 MKQ K . 23.95 -16.71 -18.37
C9 MKQ K . 22.69 -15.93 -18.41
C8 MKQ K . 22.62 -14.60 -17.99
C7 MKQ K . 21.42 -13.91 -18.12
C6 MKQ K . 20.33 -14.53 -18.73
C5 MKQ K . 20.37 -15.84 -19.15
C10 MKQ K . 21.59 -16.51 -19.01
O4 MKQ K . 17.86 -16.61 -19.20
S2 MKQ K . 19.10 -16.56 -19.91
N1 MKQ K . 19.48 -18.06 -20.33
C19 MKQ K . 20.11 -10.51 -16.87
ZN ZN L . 20.48 -18.16 -22.26
#